data_4CQD
#
_entry.id   4CQD
#
_cell.length_a   106.346
_cell.length_b   87.063
_cell.length_c   113.859
_cell.angle_alpha   90.00
_cell.angle_beta   104.58
_cell.angle_gamma   90.00
#
_symmetry.space_group_name_H-M   'C 1 2 1'
#
loop_
_entity.id
_entity.type
_entity.pdbx_description
1 polymer 'N-ISOPROPYLAMMELIDE ISOPROPYL AMIDOHYDROLASE'
2 non-polymer 'ZINC ION'
3 non-polymer '2-(N-MORPHOLINO)-ETHANESULFONIC ACID'
4 non-polymer 'CHLORIDE ION'
5 non-polymer 'MALONATE ION'
6 water water
#
_entity_poly.entity_id   1
_entity_poly.type   'polypeptide(L)'
_entity_poly.pdbx_seq_one_letter_code
;MGSSHHHHHHSSGLVPRGSHMSKDFDLIIRNAYLSEKDSVYDIGIVGDRIIKIEAKIEGTVKDEIDAKGNLVSPGFVDAH
THMDKSFTSTGERLPKFWSRPYTRDAAIEDGLKYYKNATHEEIKRHVIEHAHMQVLHGTLYTRTHVDVDSVAKTKAVEAV
LEAKEELKDLIDIQVVAFAQSGFFVDLESESLIRKSLDMGCDLVGGVDPATRENNVEGSLDLCFKLAKEYDVDIDYHIHD
IGTVGVYSINRLAQKTIENGYKGRVTTSAAWCFADAPSEWLDEAIPLYKDSGMKFVTCFSSTPPTMPVIKLLEAGINLGC
ASDNIRDFWVPFGNGDMVQGALIETQRLELKTNRDLGLIWKMITSEGARVLGIEKNYGIEVGKKADLVVLNSLSPQWAII
DQAKRLCVIKNGRIIVKDEVIVA
;
_entity_poly.pdbx_strand_id   A,B
#
loop_
_chem_comp.id
_chem_comp.type
_chem_comp.name
_chem_comp.formula
CL non-polymer 'CHLORIDE ION' 'Cl -1'
MES non-polymer '2-(N-MORPHOLINO)-ETHANESULFONIC ACID' 'C6 H13 N O4 S'
MLI non-polymer 'MALONATE ION' 'C3 H2 O4 -2'
ZN non-polymer 'ZINC ION' 'Zn 2'
#
# COMPACT_ATOMS: atom_id res chain seq x y z
N LYS A 23 21.53 12.47 -38.17
CA LYS A 23 21.36 12.85 -36.73
C LYS A 23 22.26 12.01 -35.83
N ASP A 24 22.75 12.57 -34.74
CA ASP A 24 23.71 11.85 -33.89
C ASP A 24 23.07 10.84 -32.93
N PHE A 25 21.89 11.16 -32.41
CA PHE A 25 21.09 10.27 -31.57
C PHE A 25 19.65 10.25 -32.03
N ASP A 26 19.02 9.08 -31.94
CA ASP A 26 17.60 8.95 -32.19
C ASP A 26 16.78 9.57 -31.06
N LEU A 27 17.35 9.56 -29.86
CA LEU A 27 16.62 9.98 -28.67
C LEU A 27 17.61 10.39 -27.62
N ILE A 28 17.34 11.50 -26.96
CA ILE A 28 18.13 11.91 -25.79
C ILE A 28 17.17 12.22 -24.65
N ILE A 29 17.50 11.68 -23.48
CA ILE A 29 16.83 12.04 -22.25
C ILE A 29 17.71 13.02 -21.53
N ARG A 30 17.18 14.22 -21.28
CA ARG A 30 17.95 15.27 -20.64
C ARG A 30 17.76 15.26 -19.14
N ASN A 31 18.79 15.67 -18.42
CA ASN A 31 18.72 15.91 -16.98
C ASN A 31 18.14 14.75 -16.17
N ALA A 32 18.68 13.56 -16.42
CA ALA A 32 18.21 12.33 -15.79
C ALA A 32 19.03 12.07 -14.54
N TYR A 33 18.36 12.04 -13.39
CA TYR A 33 19.02 11.58 -12.17
C TYR A 33 19.14 10.06 -12.22
N LEU A 34 20.35 9.55 -12.03
CA LEU A 34 20.58 8.11 -12.04
C LEU A 34 21.04 7.65 -10.68
N SER A 35 20.30 6.73 -10.08
CA SER A 35 20.56 6.32 -8.67
C SER A 35 21.92 5.65 -8.47
N GLU A 36 22.30 4.77 -9.40
CA GLU A 36 23.57 4.03 -9.28
C GLU A 36 24.79 4.93 -9.35
N LYS A 37 24.70 6.03 -10.09
CA LYS A 37 25.80 6.97 -10.19
C LYS A 37 25.69 8.14 -9.21
N ASP A 38 24.50 8.34 -8.63
CA ASP A 38 24.21 9.43 -7.71
C ASP A 38 24.49 10.82 -8.32
N SER A 39 24.09 11.01 -9.57
CA SER A 39 24.21 12.32 -10.21
C SER A 39 23.30 12.44 -11.43
N VAL A 40 23.26 13.64 -12.01
CA VAL A 40 22.39 13.97 -13.14
C VAL A 40 23.13 13.94 -14.47
N TYR A 41 22.56 13.25 -15.46
CA TYR A 41 23.21 13.01 -16.74
C TYR A 41 22.24 13.11 -17.91
N ASP A 42 22.75 13.45 -19.09
CA ASP A 42 22.00 13.25 -20.33
C ASP A 42 22.24 11.83 -20.82
N ILE A 43 21.22 11.22 -21.40
CA ILE A 43 21.32 9.85 -21.90
C ILE A 43 21.03 9.86 -23.39
N GLY A 44 21.95 9.34 -24.18
CA GLY A 44 21.82 9.32 -25.63
C GLY A 44 21.58 7.92 -26.12
N ILE A 45 20.62 7.78 -27.03
CA ILE A 45 20.14 6.50 -27.45
C ILE A 45 20.13 6.44 -28.97
N VAL A 46 20.52 5.29 -29.50
CA VAL A 46 20.40 5.01 -30.92
C VAL A 46 19.80 3.62 -31.07
N GLY A 47 18.81 3.50 -31.94
CA GLY A 47 18.06 2.25 -32.08
C GLY A 47 17.57 1.83 -30.70
N ASP A 48 17.82 0.58 -30.32
CA ASP A 48 17.36 0.06 -29.03
C ASP A 48 18.43 0.05 -27.94
N ARG A 49 19.48 0.85 -28.12
CA ARG A 49 20.63 0.80 -27.22
C ARG A 49 21.00 2.15 -26.64
N ILE A 50 21.51 2.12 -25.40
CA ILE A 50 22.13 3.28 -24.81
C ILE A 50 23.59 3.40 -25.30
N ILE A 51 23.90 4.56 -25.85
CA ILE A 51 25.17 4.80 -26.53
C ILE A 51 26.05 5.70 -25.72
N LYS A 52 25.47 6.66 -25.01
CA LYS A 52 26.24 7.65 -24.30
C LYS A 52 25.51 8.13 -23.05
N ILE A 53 26.26 8.28 -21.96
CA ILE A 53 25.77 8.86 -20.72
C ILE A 53 26.82 9.86 -20.28
N GLU A 54 26.51 11.14 -20.41
CA GLU A 54 27.47 12.23 -20.13
C GLU A 54 26.73 13.35 -19.43
N ALA A 55 27.43 14.13 -18.62
CA ALA A 55 26.86 15.28 -17.91
C ALA A 55 26.12 16.21 -18.87
N LYS A 56 26.66 16.37 -20.06
CA LYS A 56 26.00 17.15 -21.11
C LYS A 56 26.32 16.51 -22.45
N ILE A 57 25.27 16.19 -23.23
CA ILE A 57 25.45 15.68 -24.58
C ILE A 57 25.24 16.77 -25.62
N GLU A 58 26.26 16.95 -26.46
CA GLU A 58 26.16 17.71 -27.70
C GLU A 58 26.10 16.76 -28.88
N GLY A 59 25.42 17.22 -29.92
CA GLY A 59 25.18 16.42 -31.09
C GLY A 59 23.75 16.65 -31.46
N THR A 60 23.43 16.39 -32.71
CA THR A 60 22.09 16.58 -33.18
C THR A 60 21.26 15.41 -32.64
N VAL A 61 19.95 15.58 -32.63
CA VAL A 61 19.07 14.56 -32.07
C VAL A 61 17.65 14.67 -32.62
N LYS A 62 17.07 13.55 -33.00
CA LYS A 62 15.71 13.55 -33.53
C LYS A 62 14.61 13.89 -32.50
N ASP A 63 14.57 13.18 -31.37
CA ASP A 63 13.56 13.38 -30.31
C ASP A 63 14.20 13.62 -28.95
N GLU A 64 13.58 14.44 -28.10
CA GLU A 64 14.07 14.65 -26.72
C GLU A 64 12.99 14.58 -25.65
N ILE A 65 13.41 14.16 -24.45
CA ILE A 65 12.58 14.09 -23.27
C ILE A 65 13.39 14.73 -22.15
N ASP A 66 12.82 15.74 -21.51
CA ASP A 66 13.45 16.37 -20.36
C ASP A 66 12.90 15.73 -19.09
N ALA A 67 13.79 15.12 -18.29
CA ALA A 67 13.41 14.49 -17.02
C ALA A 67 13.46 15.50 -15.87
N LYS A 68 13.97 16.69 -16.16
CA LYS A 68 13.92 17.83 -15.24
C LYS A 68 14.55 17.52 -13.88
N GLY A 69 15.63 16.74 -13.87
CA GLY A 69 16.36 16.45 -12.63
C GLY A 69 15.78 15.26 -11.86
N ASN A 70 14.71 14.64 -12.38
CA ASN A 70 14.08 13.50 -11.72
C ASN A 70 14.69 12.16 -12.12
N LEU A 71 14.39 11.16 -11.31
CA LEU A 71 14.89 9.81 -11.46
C LEU A 71 14.45 9.21 -12.78
N VAL A 72 15.43 8.64 -13.48
CA VAL A 72 15.16 7.76 -14.61
C VAL A 72 15.74 6.42 -14.20
N SER A 73 14.97 5.38 -14.48
CA SER A 73 15.24 4.04 -14.01
C SER A 73 15.13 3.04 -15.15
N PRO A 74 15.84 1.93 -15.07
CA PRO A 74 15.50 0.87 -16.01
C PRO A 74 14.08 0.39 -15.82
N GLY A 75 13.54 -0.29 -16.83
CA GLY A 75 12.21 -0.88 -16.75
C GLY A 75 12.07 -1.79 -15.55
N PHE A 76 10.90 -1.73 -14.89
CA PHE A 76 10.65 -2.56 -13.72
C PHE A 76 10.34 -3.98 -14.18
N VAL A 77 10.67 -4.93 -13.29
CA VAL A 77 10.51 -6.34 -13.56
C VAL A 77 9.46 -6.93 -12.62
N ASP A 78 8.37 -7.41 -13.20
CA ASP A 78 7.32 -8.08 -12.47
C ASP A 78 7.59 -9.57 -12.72
N ALA A 79 8.29 -10.20 -11.78
CA ALA A 79 8.91 -11.50 -12.03
C ALA A 79 7.97 -12.69 -11.88
N HIS A 80 6.70 -12.43 -11.60
CA HIS A 80 5.74 -13.52 -11.39
C HIS A 80 4.27 -13.04 -11.47
N THR A 81 3.56 -13.45 -12.53
CA THR A 81 2.19 -13.06 -12.80
C THR A 81 1.39 -14.23 -13.32
N HIS A 82 0.06 -14.09 -13.36
CA HIS A 82 -0.82 -15.06 -13.97
C HIS A 82 -1.72 -14.32 -14.93
N MET A 83 -1.13 -13.90 -16.04
CA MET A 83 -1.84 -13.08 -17.04
C MET A 83 -3.09 -13.74 -17.61
N ASP A 84 -3.04 -15.06 -17.77
CA ASP A 84 -4.12 -15.85 -18.40
C ASP A 84 -5.50 -15.73 -17.72
N LYS A 85 -5.52 -15.75 -16.39
CA LYS A 85 -6.77 -15.70 -15.62
C LYS A 85 -6.99 -14.35 -14.91
N SER A 86 -6.19 -13.36 -15.26
CA SER A 86 -6.38 -12.02 -14.71
C SER A 86 -7.71 -11.37 -15.12
N PHE A 87 -8.17 -10.45 -14.28
CA PHE A 87 -9.40 -9.65 -14.50
C PHE A 87 -10.71 -10.45 -14.51
N THR A 88 -10.65 -11.72 -14.14
CA THR A 88 -11.87 -12.55 -14.07
C THR A 88 -12.80 -12.18 -12.90
N SER A 89 -12.30 -11.41 -11.92
CA SER A 89 -13.14 -10.93 -10.82
C SER A 89 -13.97 -9.71 -11.21
N THR A 90 -13.64 -9.08 -12.33
CA THR A 90 -14.27 -7.81 -12.73
C THR A 90 -15.62 -8.03 -13.44
N GLY A 91 -16.46 -6.99 -13.44
CA GLY A 91 -17.71 -7.00 -14.20
C GLY A 91 -18.95 -6.58 -13.41
N GLU A 92 -18.86 -6.64 -12.08
CA GLU A 92 -19.99 -6.31 -11.22
C GLU A 92 -19.61 -5.23 -10.23
N ARG A 93 -20.61 -4.81 -9.45
CA ARG A 93 -20.46 -3.78 -8.46
C ARG A 93 -19.45 -4.21 -7.37
N LEU A 94 -19.52 -5.47 -6.96
CA LEU A 94 -18.53 -6.04 -6.05
C LEU A 94 -17.67 -7.04 -6.79
N PRO A 95 -16.38 -7.17 -6.39
CA PRO A 95 -15.55 -8.21 -6.98
C PRO A 95 -16.22 -9.58 -6.89
N LYS A 96 -16.23 -10.31 -7.99
CA LYS A 96 -16.72 -11.69 -7.99
C LYS A 96 -15.78 -12.60 -7.20
N PHE A 97 -16.34 -13.71 -6.73
CA PHE A 97 -15.61 -14.75 -5.99
C PHE A 97 -15.28 -14.45 -4.51
N TRP A 98 -15.40 -13.20 -4.07
CA TRP A 98 -14.88 -12.81 -2.75
C TRP A 98 -15.96 -12.65 -1.66
N SER A 99 -17.01 -13.46 -1.76
CA SER A 99 -17.96 -13.66 -0.65
C SER A 99 -17.51 -14.80 0.30
N ARG A 100 -16.38 -15.43 -0.03
CA ARG A 100 -15.82 -16.53 0.75
C ARG A 100 -14.29 -16.32 0.87
N PRO A 101 -13.69 -16.78 1.99
CA PRO A 101 -12.24 -16.61 2.19
C PRO A 101 -11.33 -17.48 1.30
N TYR A 102 -10.10 -17.01 1.09
CA TYR A 102 -9.14 -17.71 0.26
C TYR A 102 -8.68 -19.06 0.84
N THR A 103 -8.72 -20.10 0.02
CA THR A 103 -7.89 -21.30 0.20
C THR A 103 -7.39 -21.75 -1.17
N ARG A 104 -6.18 -22.27 -1.21
CA ARG A 104 -5.57 -22.73 -2.46
C ARG A 104 -6.53 -23.65 -3.22
N ASP A 105 -6.96 -24.72 -2.56
CA ASP A 105 -7.82 -25.73 -3.20
C ASP A 105 -9.15 -25.20 -3.75
N ALA A 106 -9.78 -24.25 -3.07
CA ALA A 106 -11.03 -23.67 -3.57
C ALA A 106 -10.79 -22.79 -4.82
N ALA A 107 -9.68 -22.06 -4.80
CA ALA A 107 -9.29 -21.24 -5.94
C ALA A 107 -8.90 -22.10 -7.15
N ILE A 108 -8.35 -23.29 -6.89
CA ILE A 108 -8.07 -24.24 -7.97
C ILE A 108 -9.40 -24.64 -8.61
N GLU A 109 -10.39 -24.95 -7.77
CA GLU A 109 -11.73 -25.32 -8.25
C GLU A 109 -12.39 -24.21 -9.08
N ASP A 110 -12.33 -22.98 -8.59
CA ASP A 110 -12.87 -21.84 -9.35
C ASP A 110 -12.22 -21.73 -10.74
N GLY A 111 -10.93 -22.03 -10.79
CA GLY A 111 -10.17 -21.98 -12.04
C GLY A 111 -10.65 -23.04 -13.03
N LEU A 112 -10.86 -24.26 -12.55
CA LEU A 112 -11.36 -25.35 -13.40
C LEU A 112 -12.76 -25.02 -13.92
N LYS A 113 -13.59 -24.44 -13.07
CA LYS A 113 -14.91 -24.02 -13.50
C LYS A 113 -14.79 -22.90 -14.54
N TYR A 114 -13.94 -21.91 -14.29
CA TYR A 114 -13.76 -20.82 -15.24
C TYR A 114 -13.26 -21.29 -16.59
N TYR A 115 -12.19 -22.07 -16.60
CA TYR A 115 -11.57 -22.49 -17.86
C TYR A 115 -12.43 -23.44 -18.69
N LYS A 116 -13.46 -24.02 -18.11
CA LYS A 116 -14.38 -24.87 -18.84
C LYS A 116 -15.05 -24.09 -19.97
N ASN A 117 -15.54 -22.90 -19.66
CA ASN A 117 -16.27 -22.08 -20.63
C ASN A 117 -15.52 -20.87 -21.18
N ALA A 118 -14.31 -20.62 -20.70
CA ALA A 118 -13.53 -19.48 -21.18
C ALA A 118 -13.11 -19.68 -22.64
N THR A 119 -13.17 -18.61 -23.42
CA THR A 119 -12.79 -18.67 -24.84
C THR A 119 -11.37 -18.16 -25.05
N HIS A 120 -10.79 -18.62 -26.16
CA HIS A 120 -9.50 -18.15 -26.59
C HIS A 120 -9.39 -16.61 -26.61
N GLU A 121 -10.43 -15.94 -27.11
N GLU A 121 -10.43 -15.94 -27.11
CA GLU A 121 -10.41 -14.49 -27.28
CA GLU A 121 -10.41 -14.48 -27.27
C GLU A 121 -10.52 -13.74 -25.94
C GLU A 121 -10.52 -13.73 -25.94
N GLU A 122 -11.28 -14.30 -25.00
CA GLU A 122 -11.43 -13.71 -23.67
C GLU A 122 -10.10 -13.78 -22.90
N ILE A 123 -9.43 -14.92 -23.00
CA ILE A 123 -8.17 -15.12 -22.29
C ILE A 123 -7.14 -14.16 -22.89
N LYS A 124 -7.07 -14.12 -24.21
CA LYS A 124 -6.17 -13.21 -24.91
C LYS A 124 -6.41 -11.74 -24.53
N ARG A 125 -7.66 -11.33 -24.51
CA ARG A 125 -8.02 -9.95 -24.16
C ARG A 125 -7.52 -9.62 -22.73
N HIS A 126 -7.59 -10.58 -21.84
CA HIS A 126 -7.16 -10.40 -20.46
C HIS A 126 -5.66 -10.27 -20.39
N VAL A 127 -4.97 -11.08 -21.18
CA VAL A 127 -3.53 -10.98 -21.22
C VAL A 127 -3.10 -9.58 -21.68
N ILE A 128 -3.73 -9.09 -22.75
CA ILE A 128 -3.36 -7.78 -23.32
C ILE A 128 -3.69 -6.65 -22.34
N GLU A 129 -4.88 -6.71 -21.76
CA GLU A 129 -5.28 -5.73 -20.75
C GLU A 129 -4.28 -5.70 -19.59
N HIS A 130 -3.83 -6.88 -19.14
CA HIS A 130 -2.84 -7.01 -18.07
C HIS A 130 -1.55 -6.30 -18.46
N ALA A 131 -1.06 -6.62 -19.64
CA ALA A 131 0.17 -6.06 -20.17
C ALA A 131 0.10 -4.54 -20.35
N HIS A 132 -1.01 -4.05 -20.88
CA HIS A 132 -1.18 -2.60 -21.00
C HIS A 132 -1.11 -1.90 -19.64
N MET A 133 -1.76 -2.48 -18.65
CA MET A 133 -1.75 -1.93 -17.29
C MET A 133 -0.32 -1.91 -16.74
N GLN A 134 0.45 -2.99 -17.00
CA GLN A 134 1.84 -3.08 -16.54
C GLN A 134 2.73 -2.01 -17.18
N VAL A 135 2.64 -1.87 -18.52
CA VAL A 135 3.52 -0.91 -19.20
C VAL A 135 3.20 0.52 -18.85
N LEU A 136 1.93 0.82 -18.60
CA LEU A 136 1.54 2.16 -18.10
C LEU A 136 2.26 2.51 -16.81
N HIS A 137 2.62 1.51 -16.01
CA HIS A 137 3.33 1.75 -14.75
C HIS A 137 4.82 1.54 -14.81
N GLY A 138 5.35 1.38 -16.02
CA GLY A 138 6.78 1.31 -16.22
C GLY A 138 7.39 -0.10 -16.14
N THR A 139 6.56 -1.13 -16.12
CA THR A 139 7.05 -2.50 -16.16
C THR A 139 7.27 -2.91 -17.62
N LEU A 140 8.50 -3.32 -17.94
CA LEU A 140 8.85 -3.69 -19.32
C LEU A 140 9.27 -5.15 -19.48
N TYR A 141 9.30 -5.89 -18.37
CA TYR A 141 9.63 -7.31 -18.39
C TYR A 141 8.78 -8.04 -17.38
N THR A 142 8.22 -9.17 -17.78
CA THR A 142 7.45 -9.98 -16.86
C THR A 142 7.56 -11.47 -17.15
N ARG A 143 7.41 -12.29 -16.11
CA ARG A 143 7.30 -13.73 -16.26
C ARG A 143 5.92 -14.14 -15.77
N THR A 144 5.12 -14.71 -16.67
CA THR A 144 3.78 -15.15 -16.33
C THR A 144 3.70 -16.65 -16.36
N HIS A 145 2.87 -17.18 -15.46
CA HIS A 145 2.56 -18.60 -15.43
C HIS A 145 1.24 -18.73 -16.17
N VAL A 146 1.01 -19.92 -16.72
CA VAL A 146 -0.23 -20.23 -17.46
C VAL A 146 -0.73 -21.57 -17.03
N ASP A 147 -2.00 -21.64 -16.63
CA ASP A 147 -2.58 -22.89 -16.16
C ASP A 147 -2.54 -23.91 -17.28
N VAL A 148 -1.92 -25.05 -17.02
CA VAL A 148 -2.01 -26.22 -17.91
C VAL A 148 -2.56 -27.38 -17.10
N ASP A 149 -3.76 -27.82 -17.44
CA ASP A 149 -4.40 -28.95 -16.78
C ASP A 149 -5.46 -29.54 -17.70
N SER A 150 -6.16 -30.58 -17.24
CA SER A 150 -7.07 -31.33 -18.12
C SER A 150 -8.32 -30.56 -18.58
N VAL A 151 -8.60 -29.39 -17.98
CA VAL A 151 -9.74 -28.57 -18.41
C VAL A 151 -9.29 -27.43 -19.32
N ALA A 152 -8.25 -26.71 -18.92
CA ALA A 152 -7.68 -25.65 -19.74
C ALA A 152 -6.93 -26.22 -20.95
N LYS A 153 -6.38 -27.42 -20.79
CA LYS A 153 -5.56 -28.05 -21.82
C LYS A 153 -4.45 -27.10 -22.25
N THR A 154 -4.29 -26.86 -23.55
CA THR A 154 -3.34 -25.87 -24.04
C THR A 154 -4.03 -24.63 -24.57
N LYS A 155 -5.32 -24.50 -24.29
CA LYS A 155 -6.09 -23.33 -24.73
C LYS A 155 -5.48 -22.02 -24.17
N ALA A 156 -5.14 -22.02 -22.88
CA ALA A 156 -4.61 -20.81 -22.26
C ALA A 156 -3.23 -20.51 -22.80
N VAL A 157 -2.42 -21.57 -22.94
CA VAL A 157 -1.07 -21.43 -23.48
C VAL A 157 -1.12 -20.78 -24.87
N GLU A 158 -2.04 -21.25 -25.70
CA GLU A 158 -2.16 -20.76 -27.07
C GLU A 158 -2.47 -19.26 -27.06
N ALA A 159 -3.44 -18.89 -26.23
CA ALA A 159 -3.86 -17.50 -26.14
C ALA A 159 -2.72 -16.62 -25.64
N VAL A 160 -1.99 -17.09 -24.64
CA VAL A 160 -0.90 -16.33 -24.07
C VAL A 160 0.25 -16.15 -25.06
N LEU A 161 0.61 -17.23 -25.75
CA LEU A 161 1.73 -17.17 -26.71
C LEU A 161 1.36 -16.23 -27.85
N GLU A 162 0.10 -16.23 -28.23
CA GLU A 162 -0.36 -15.38 -29.31
C GLU A 162 -0.31 -13.92 -28.90
N ALA A 163 -0.81 -13.63 -27.71
CA ALA A 163 -0.82 -12.27 -27.20
C ALA A 163 0.61 -11.78 -27.01
N LYS A 164 1.49 -12.68 -26.58
CA LYS A 164 2.90 -12.36 -26.39
C LYS A 164 3.56 -11.84 -27.68
N GLU A 165 3.24 -12.49 -28.79
CA GLU A 165 3.70 -12.05 -30.12
C GLU A 165 3.21 -10.62 -30.44
N GLU A 166 1.92 -10.36 -30.22
CA GLU A 166 1.34 -9.03 -30.46
C GLU A 166 1.87 -7.92 -29.55
N LEU A 167 2.44 -8.29 -28.40
CA LEU A 167 2.89 -7.33 -27.40
C LEU A 167 4.40 -7.06 -27.39
N LYS A 168 5.14 -7.69 -28.30
CA LYS A 168 6.61 -7.55 -28.38
C LYS A 168 7.16 -6.13 -28.30
N ASP A 169 6.46 -5.17 -28.88
CA ASP A 169 6.95 -3.79 -28.91
C ASP A 169 6.67 -3.03 -27.60
N LEU A 170 5.94 -3.64 -26.68
CA LEU A 170 5.59 -2.99 -25.39
C LEU A 170 6.30 -3.62 -24.20
N ILE A 171 6.35 -4.95 -24.17
CA ILE A 171 6.81 -5.67 -22.99
C ILE A 171 7.36 -7.05 -23.37
N ASP A 172 8.48 -7.44 -22.74
CA ASP A 172 9.02 -8.80 -22.89
C ASP A 172 8.40 -9.73 -21.88
N ILE A 173 7.90 -10.86 -22.37
CA ILE A 173 7.18 -11.83 -21.56
C ILE A 173 7.85 -13.21 -21.67
N GLN A 174 8.23 -13.77 -20.52
CA GLN A 174 8.58 -15.19 -20.39
C GLN A 174 7.37 -15.94 -19.89
N VAL A 175 7.13 -17.13 -20.44
CA VAL A 175 5.93 -17.89 -20.17
C VAL A 175 6.27 -19.22 -19.52
N VAL A 176 5.67 -19.47 -18.36
CA VAL A 176 5.90 -20.71 -17.61
C VAL A 176 4.72 -21.64 -17.83
N ALA A 177 5.00 -22.83 -18.37
CA ALA A 177 4.01 -23.89 -18.45
C ALA A 177 3.84 -24.45 -17.04
N PHE A 178 2.66 -24.23 -16.48
CA PHE A 178 2.45 -24.36 -15.03
C PHE A 178 1.39 -25.38 -14.76
N ALA A 179 1.78 -26.51 -14.19
CA ALA A 179 0.86 -27.58 -13.83
C ALA A 179 0.11 -27.26 -12.53
N GLN A 180 -0.91 -26.42 -12.66
CA GLN A 180 -1.65 -25.83 -11.53
C GLN A 180 -2.35 -26.85 -10.66
N SER A 181 -2.86 -27.92 -11.27
CA SER A 181 -3.62 -28.94 -10.54
C SER A 181 -2.70 -29.97 -9.85
N GLY A 182 -1.48 -30.11 -10.32
CA GLY A 182 -0.53 -31.09 -9.78
C GLY A 182 -0.36 -32.27 -10.72
N PHE A 183 0.88 -32.63 -11.02
CA PHE A 183 1.22 -33.74 -11.88
C PHE A 183 0.65 -35.08 -11.38
N PHE A 184 0.55 -35.26 -10.07
CA PHE A 184 0.08 -36.53 -9.50
C PHE A 184 -1.34 -36.46 -9.00
N VAL A 185 -2.02 -35.35 -9.29
CA VAL A 185 -3.45 -35.20 -8.98
C VAL A 185 -4.26 -35.18 -10.28
N ASP A 186 -3.86 -34.33 -11.23
CA ASP A 186 -4.40 -34.37 -12.60
C ASP A 186 -3.40 -35.12 -13.45
N LEU A 187 -3.68 -36.39 -13.74
CA LEU A 187 -2.71 -37.25 -14.43
C LEU A 187 -2.53 -36.94 -15.94
N GLU A 188 -3.39 -36.09 -16.50
CA GLU A 188 -3.22 -35.61 -17.87
C GLU A 188 -2.16 -34.49 -17.96
N SER A 189 -1.63 -34.07 -16.81
CA SER A 189 -0.79 -32.88 -16.75
C SER A 189 0.52 -33.08 -17.49
N GLU A 190 1.13 -34.24 -17.28
CA GLU A 190 2.42 -34.50 -17.90
C GLU A 190 2.40 -34.31 -19.42
N SER A 191 1.40 -34.89 -20.10
N SER A 191 1.40 -34.89 -20.10
CA SER A 191 1.35 -34.82 -21.57
CA SER A 191 1.35 -34.82 -21.57
C SER A 191 1.00 -33.42 -22.06
C SER A 191 1.00 -33.42 -22.06
N LEU A 192 0.08 -32.77 -21.36
CA LEU A 192 -0.30 -31.39 -21.69
C LEU A 192 0.84 -30.41 -21.51
N ILE A 193 1.67 -30.62 -20.50
CA ILE A 193 2.85 -29.77 -20.30
C ILE A 193 3.87 -29.96 -21.42
N ARG A 194 4.09 -31.21 -21.84
CA ARG A 194 5.01 -31.50 -22.94
C ARG A 194 4.62 -30.77 -24.21
N LYS A 195 3.33 -30.80 -24.53
CA LYS A 195 2.81 -30.10 -25.68
C LYS A 195 2.98 -28.59 -25.52
N SER A 196 2.63 -28.09 -24.33
CA SER A 196 2.80 -26.68 -24.03
C SER A 196 4.22 -26.20 -24.25
N LEU A 197 5.19 -26.98 -23.80
CA LEU A 197 6.60 -26.67 -24.04
C LEU A 197 7.00 -26.84 -25.51
N ASP A 198 6.37 -27.79 -26.19
CA ASP A 198 6.56 -27.96 -27.62
C ASP A 198 6.02 -26.75 -28.40
N MET A 199 4.93 -26.16 -27.94
CA MET A 199 4.39 -24.94 -28.52
C MET A 199 5.27 -23.71 -28.31
N GLY A 200 6.19 -23.77 -27.36
CA GLY A 200 7.16 -22.68 -27.17
C GLY A 200 7.18 -21.96 -25.83
N CYS A 201 6.53 -22.51 -24.79
CA CYS A 201 6.68 -21.96 -23.44
C CYS A 201 8.16 -21.97 -23.06
N ASP A 202 8.57 -21.00 -22.25
CA ASP A 202 9.98 -20.75 -21.97
C ASP A 202 10.53 -21.47 -20.72
N LEU A 203 9.63 -21.80 -19.80
CA LEU A 203 9.98 -22.47 -18.55
C LEU A 203 8.89 -23.46 -18.20
N VAL A 204 9.19 -24.32 -17.23
CA VAL A 204 8.21 -25.24 -16.71
C VAL A 204 8.16 -25.15 -15.17
N GLY A 205 6.98 -25.39 -14.61
CA GLY A 205 6.81 -25.36 -13.17
C GLY A 205 5.61 -26.13 -12.64
N GLY A 206 5.69 -26.51 -11.37
CA GLY A 206 4.55 -27.10 -10.68
C GLY A 206 4.16 -26.33 -9.42
N VAL A 207 3.37 -27.02 -8.59
CA VAL A 207 2.87 -26.47 -7.33
C VAL A 207 3.00 -27.47 -6.15
N ASP A 208 3.36 -26.92 -5.00
CA ASP A 208 3.37 -27.62 -3.70
C ASP A 208 3.57 -29.14 -3.76
N PRO A 209 4.82 -29.57 -3.97
CA PRO A 209 5.19 -30.97 -4.00
C PRO A 209 4.68 -31.77 -2.80
N ALA A 210 4.58 -31.13 -1.64
CA ALA A 210 4.06 -31.80 -0.46
C ALA A 210 2.54 -31.77 -0.35
N THR A 211 1.94 -30.63 -0.02
CA THR A 211 0.51 -30.66 0.37
C THR A 211 -0.45 -30.73 -0.81
N ARG A 212 0.03 -30.54 -2.04
CA ARG A 212 -0.86 -30.68 -3.17
C ARG A 212 -0.62 -32.01 -3.88
N GLU A 213 0.63 -32.31 -4.17
CA GLU A 213 0.99 -33.52 -4.91
C GLU A 213 1.04 -34.77 -4.05
N ASN A 214 1.28 -34.58 -2.74
CA ASN A 214 1.59 -35.68 -1.83
C ASN A 214 2.71 -36.58 -2.33
N ASN A 215 3.75 -35.98 -2.91
CA ASN A 215 4.87 -36.74 -3.48
C ASN A 215 6.02 -35.81 -3.87
N VAL A 216 6.89 -35.54 -2.91
CA VAL A 216 7.92 -34.52 -3.09
C VAL A 216 8.96 -35.00 -4.10
N GLU A 217 9.48 -36.20 -3.88
CA GLU A 217 10.50 -36.73 -4.78
C GLU A 217 9.99 -36.86 -6.21
N GLY A 218 8.77 -37.36 -6.36
CA GLY A 218 8.24 -37.70 -7.68
C GLY A 218 7.88 -36.47 -8.49
N SER A 219 7.20 -35.51 -7.85
N SER A 219 7.20 -35.52 -7.85
CA SER A 219 6.82 -34.28 -8.53
CA SER A 219 6.83 -34.28 -8.53
C SER A 219 8.06 -33.52 -8.99
C SER A 219 8.06 -33.52 -8.99
N LEU A 220 9.05 -33.39 -8.12
CA LEU A 220 10.27 -32.66 -8.48
C LEU A 220 11.05 -33.36 -9.59
N ASP A 221 11.22 -34.69 -9.47
CA ASP A 221 11.97 -35.44 -10.47
C ASP A 221 11.30 -35.32 -11.84
N LEU A 222 9.98 -35.43 -11.88
CA LEU A 222 9.22 -35.29 -13.12
C LEU A 222 9.43 -33.91 -13.77
N CYS A 223 9.34 -32.88 -12.94
CA CYS A 223 9.59 -31.53 -13.41
C CYS A 223 10.96 -31.37 -14.06
N PHE A 224 12.00 -31.94 -13.45
CA PHE A 224 13.35 -31.85 -14.01
C PHE A 224 13.45 -32.64 -15.31
N LYS A 225 12.75 -33.77 -15.39
CA LYS A 225 12.80 -34.60 -16.60
C LYS A 225 12.24 -33.81 -17.78
N LEU A 226 11.09 -33.19 -17.59
CA LEU A 226 10.47 -32.36 -18.63
C LEU A 226 11.32 -31.14 -19.00
N ALA A 227 11.86 -30.48 -17.98
CA ALA A 227 12.74 -29.32 -18.19
C ALA A 227 13.97 -29.67 -19.05
N LYS A 228 14.54 -30.85 -18.82
CA LYS A 228 15.70 -31.32 -19.58
C LYS A 228 15.33 -31.77 -21.00
N GLU A 229 14.15 -32.35 -21.16
CA GLU A 229 13.69 -32.74 -22.47
C GLU A 229 13.62 -31.56 -23.44
N TYR A 230 13.17 -30.41 -22.95
CA TYR A 230 13.02 -29.22 -23.81
C TYR A 230 14.07 -28.15 -23.56
N ASP A 231 15.04 -28.47 -22.71
CA ASP A 231 16.12 -27.55 -22.38
C ASP A 231 15.56 -26.19 -21.90
N VAL A 232 14.61 -26.23 -20.96
CA VAL A 232 14.05 -25.01 -20.39
C VAL A 232 14.35 -24.85 -18.91
N ASP A 233 14.33 -23.62 -18.43
CA ASP A 233 14.49 -23.31 -17.00
C ASP A 233 13.23 -23.65 -16.21
N ILE A 234 13.33 -23.61 -14.88
CA ILE A 234 12.23 -24.03 -13.98
C ILE A 234 11.80 -22.89 -13.04
N ASP A 235 10.48 -22.73 -12.88
CA ASP A 235 9.92 -21.83 -11.85
C ASP A 235 8.81 -22.53 -11.08
N TYR A 236 9.10 -22.87 -9.82
CA TYR A 236 8.21 -23.66 -8.99
C TYR A 236 7.46 -22.80 -7.95
N HIS A 237 6.13 -23.00 -7.86
CA HIS A 237 5.30 -22.39 -6.82
C HIS A 237 5.42 -23.22 -5.55
N ILE A 238 6.05 -22.69 -4.52
CA ILE A 238 6.03 -23.39 -3.23
C ILE A 238 5.45 -22.46 -2.16
N HIS A 239 4.17 -22.64 -1.89
N HIS A 239 4.17 -22.64 -1.89
CA HIS A 239 3.42 -21.87 -0.89
CA HIS A 239 3.42 -21.86 -0.90
C HIS A 239 3.35 -22.54 0.47
C HIS A 239 3.34 -22.54 0.46
N ASP A 240 3.66 -23.82 0.54
CA ASP A 240 3.57 -24.57 1.80
C ASP A 240 4.35 -23.91 2.93
N ILE A 241 3.70 -23.75 4.07
CA ILE A 241 4.29 -23.01 5.19
C ILE A 241 5.15 -23.87 6.08
N GLY A 242 6.00 -23.22 6.86
CA GLY A 242 6.76 -23.88 7.89
C GLY A 242 7.83 -24.83 7.37
N THR A 243 8.18 -25.79 8.19
CA THR A 243 9.26 -26.71 7.88
C THR A 243 8.99 -27.57 6.61
N VAL A 244 7.73 -27.87 6.32
CA VAL A 244 7.41 -28.66 5.13
C VAL A 244 7.77 -27.86 3.85
N GLY A 245 7.63 -26.54 3.91
CA GLY A 245 8.00 -25.70 2.79
C GLY A 245 9.50 -25.65 2.59
N VAL A 246 10.22 -25.47 3.70
CA VAL A 246 11.66 -25.35 3.61
C VAL A 246 12.24 -26.68 3.15
N TYR A 247 11.75 -27.79 3.70
CA TYR A 247 12.16 -29.12 3.24
C TYR A 247 11.93 -29.26 1.72
N SER A 248 10.78 -28.81 1.23
CA SER A 248 10.48 -28.93 -0.18
C SER A 248 11.48 -28.17 -1.05
N ILE A 249 11.87 -26.98 -0.60
CA ILE A 249 12.76 -26.12 -1.33
C ILE A 249 14.20 -26.68 -1.27
N ASN A 250 14.55 -27.26 -0.13
CA ASN A 250 15.83 -27.91 0.03
C ASN A 250 16.00 -29.10 -0.92
N ARG A 251 14.96 -29.91 -1.07
CA ARG A 251 14.99 -31.02 -1.99
C ARG A 251 15.13 -30.46 -3.41
N LEU A 252 14.38 -29.39 -3.71
CA LEU A 252 14.46 -28.75 -5.01
C LEU A 252 15.88 -28.32 -5.33
N ALA A 253 16.49 -27.62 -4.38
CA ALA A 253 17.85 -27.10 -4.54
C ALA A 253 18.88 -28.22 -4.69
N GLN A 254 18.68 -29.31 -3.96
CA GLN A 254 19.60 -30.42 -4.01
C GLN A 254 19.51 -31.11 -5.38
N LYS A 255 18.29 -31.33 -5.85
CA LYS A 255 18.07 -31.88 -7.19
C LYS A 255 18.54 -30.92 -8.28
N THR A 256 18.57 -29.61 -7.98
CA THR A 256 19.06 -28.63 -8.94
C THR A 256 20.54 -28.92 -9.22
N ILE A 257 21.28 -29.21 -8.17
CA ILE A 257 22.69 -29.53 -8.27
C ILE A 257 22.88 -30.88 -8.96
N GLU A 258 22.17 -31.90 -8.50
CA GLU A 258 22.29 -33.26 -9.07
C GLU A 258 22.02 -33.29 -10.57
N ASN A 259 21.13 -32.42 -11.05
CA ASN A 259 20.76 -32.41 -12.48
C ASN A 259 21.55 -31.41 -13.32
N GLY A 260 22.58 -30.80 -12.74
CA GLY A 260 23.39 -29.82 -13.47
C GLY A 260 22.65 -28.56 -13.88
N TYR A 261 21.71 -28.14 -13.05
CA TYR A 261 20.80 -27.01 -13.36
C TYR A 261 21.07 -25.79 -12.48
N LYS A 262 22.29 -25.66 -11.98
CA LYS A 262 22.65 -24.50 -11.21
C LYS A 262 22.25 -23.25 -11.97
N GLY A 263 21.64 -22.29 -11.28
CA GLY A 263 21.24 -21.03 -11.91
C GLY A 263 19.98 -21.08 -12.76
N ARG A 264 19.40 -22.24 -12.97
CA ARG A 264 18.29 -22.37 -13.90
C ARG A 264 16.94 -22.57 -13.20
N VAL A 265 16.93 -22.41 -11.88
CA VAL A 265 15.74 -22.75 -11.10
C VAL A 265 15.31 -21.57 -10.22
N THR A 266 14.01 -21.29 -10.26
CA THR A 266 13.40 -20.25 -9.40
C THR A 266 12.38 -20.89 -8.48
N THR A 267 12.36 -20.45 -7.22
CA THR A 267 11.30 -20.80 -6.30
C THR A 267 10.43 -19.55 -6.06
N SER A 268 9.15 -19.65 -6.42
CA SER A 268 8.20 -18.56 -6.23
C SER A 268 7.48 -18.71 -4.89
N ALA A 269 7.24 -17.56 -4.26
CA ALA A 269 6.54 -17.41 -2.96
C ALA A 269 7.44 -17.68 -1.76
N ALA A 270 7.73 -18.96 -1.48
CA ALA A 270 8.55 -19.31 -0.34
C ALA A 270 8.08 -18.66 0.97
N TRP A 271 6.78 -18.68 1.21
CA TRP A 271 6.21 -18.14 2.46
C TRP A 271 6.83 -18.79 3.69
N CYS A 272 7.23 -20.06 3.53
CA CYS A 272 7.78 -20.83 4.63
C CYS A 272 8.96 -20.20 5.33
N PHE A 273 9.73 -19.37 4.65
CA PHE A 273 10.85 -18.69 5.32
C PHE A 273 10.40 -17.75 6.42
N ALA A 274 9.12 -17.36 6.41
CA ALA A 274 8.57 -16.48 7.43
C ALA A 274 8.33 -17.19 8.75
N ASP A 275 7.81 -18.41 8.71
CA ASP A 275 7.42 -19.11 9.95
C ASP A 275 8.26 -20.33 10.34
N ALA A 276 9.08 -20.86 9.43
CA ALA A 276 10.00 -21.93 9.79
C ALA A 276 11.03 -21.34 10.74
N PRO A 277 11.63 -22.17 11.61
CA PRO A 277 12.60 -21.60 12.54
C PRO A 277 13.79 -21.01 11.78
N SER A 278 14.34 -19.93 12.31
CA SER A 278 15.35 -19.20 11.58
C SER A 278 16.60 -20.06 11.32
N GLU A 279 16.87 -21.03 12.19
CA GLU A 279 18.04 -21.87 11.99
C GLU A 279 17.89 -22.76 10.74
N TRP A 280 16.65 -23.02 10.32
CA TRP A 280 16.43 -23.84 9.14
C TRP A 280 16.86 -23.08 7.92
N LEU A 281 16.55 -21.78 7.91
CA LEU A 281 16.97 -20.94 6.82
C LEU A 281 18.50 -20.72 6.88
N ASP A 282 19.05 -20.48 8.08
CA ASP A 282 20.51 -20.30 8.23
C ASP A 282 21.26 -21.50 7.65
N GLU A 283 20.82 -22.70 8.00
CA GLU A 283 21.42 -23.96 7.50
C GLU A 283 21.30 -24.09 5.99
N ALA A 284 20.20 -23.63 5.41
CA ALA A 284 19.93 -23.85 3.98
C ALA A 284 20.59 -22.84 3.03
N ILE A 285 20.96 -21.68 3.55
CA ILE A 285 21.51 -20.61 2.70
C ILE A 285 22.71 -21.04 1.86
N PRO A 286 23.69 -21.76 2.45
CA PRO A 286 24.81 -22.24 1.64
C PRO A 286 24.39 -23.17 0.51
N LEU A 287 23.38 -23.98 0.76
CA LEU A 287 22.84 -24.85 -0.26
C LEU A 287 22.21 -24.05 -1.41
N TYR A 288 21.51 -22.98 -1.05
CA TYR A 288 20.84 -22.11 -2.03
C TYR A 288 21.88 -21.36 -2.87
N LYS A 289 22.94 -20.89 -2.24
CA LYS A 289 24.04 -20.26 -2.95
C LYS A 289 24.77 -21.24 -3.87
N ASP A 290 25.10 -22.43 -3.36
N ASP A 290 25.10 -22.43 -3.36
CA ASP A 290 25.74 -23.45 -4.18
CA ASP A 290 25.76 -23.47 -4.20
C ASP A 290 24.90 -23.87 -5.38
C ASP A 290 24.91 -23.87 -5.39
N SER A 291 23.59 -23.94 -5.20
CA SER A 291 22.68 -24.29 -6.30
C SER A 291 22.34 -23.09 -7.18
N GLY A 292 22.70 -21.89 -6.75
CA GLY A 292 22.29 -20.69 -7.48
C GLY A 292 20.77 -20.50 -7.51
N MET A 293 20.10 -20.95 -6.44
CA MET A 293 18.66 -20.84 -6.36
C MET A 293 18.25 -19.36 -6.38
N LYS A 294 17.25 -19.05 -7.20
CA LYS A 294 16.65 -17.73 -7.27
C LYS A 294 15.25 -17.77 -6.65
N PHE A 295 14.84 -16.63 -6.12
CA PHE A 295 13.56 -16.50 -5.40
C PHE A 295 12.76 -15.31 -5.88
N VAL A 296 11.44 -15.47 -5.87
CA VAL A 296 10.51 -14.36 -6.08
C VAL A 296 9.49 -14.32 -4.95
N THR A 297 9.39 -13.16 -4.31
CA THR A 297 8.32 -12.89 -3.34
C THR A 297 7.29 -11.92 -3.97
N CYS A 298 6.01 -12.25 -3.84
CA CYS A 298 4.94 -11.46 -4.44
C CYS A 298 4.32 -10.52 -3.42
N PHE A 299 4.17 -9.24 -3.79
CA PHE A 299 3.78 -8.22 -2.84
C PHE A 299 2.32 -8.30 -2.46
N SER A 300 1.56 -9.14 -3.16
CA SER A 300 0.22 -9.51 -2.77
C SER A 300 0.17 -10.60 -1.70
N SER A 301 1.32 -11.12 -1.24
CA SER A 301 1.29 -12.12 -0.18
C SER A 301 2.51 -12.17 0.72
N THR A 302 3.52 -11.36 0.46
CA THR A 302 4.78 -11.47 1.22
C THR A 302 4.46 -11.43 2.73
N PRO A 303 4.78 -12.51 3.47
CA PRO A 303 4.48 -12.49 4.91
C PRO A 303 5.23 -11.39 5.67
N PRO A 304 4.55 -10.71 6.61
CA PRO A 304 5.19 -9.59 7.30
C PRO A 304 6.52 -9.91 7.98
N THR A 305 6.73 -11.17 8.40
CA THR A 305 8.02 -11.59 8.96
C THR A 305 8.92 -12.31 7.95
N MET A 306 8.66 -12.18 6.65
CA MET A 306 9.58 -12.71 5.64
C MET A 306 10.95 -12.05 5.80
N PRO A 307 12.03 -12.85 5.88
CA PRO A 307 13.39 -12.29 6.07
C PRO A 307 13.99 -11.78 4.76
N VAL A 308 13.34 -10.77 4.19
CA VAL A 308 13.68 -10.22 2.89
C VAL A 308 15.04 -9.57 2.92
N ILE A 309 15.25 -8.68 3.88
CA ILE A 309 16.52 -7.98 3.99
C ILE A 309 17.64 -8.96 4.27
N LYS A 310 17.39 -9.90 5.17
CA LYS A 310 18.39 -10.90 5.50
C LYS A 310 18.80 -11.72 4.28
N LEU A 311 17.83 -12.12 3.46
CA LEU A 311 18.17 -12.87 2.23
C LEU A 311 19.05 -12.03 1.30
N LEU A 312 18.71 -10.75 1.13
CA LEU A 312 19.48 -9.90 0.23
C LEU A 312 20.89 -9.66 0.76
N GLU A 313 21.03 -9.50 2.07
CA GLU A 313 22.34 -9.26 2.67
C GLU A 313 23.24 -10.49 2.59
N ALA A 314 22.63 -11.66 2.46
CA ALA A 314 23.37 -12.89 2.30
C ALA A 314 23.72 -13.12 0.84
N GLY A 315 23.36 -12.19 -0.03
CA GLY A 315 23.61 -12.34 -1.46
C GLY A 315 22.71 -13.31 -2.18
N ILE A 316 21.54 -13.62 -1.61
CA ILE A 316 20.52 -14.40 -2.31
C ILE A 316 19.79 -13.48 -3.31
N ASN A 317 19.52 -14.02 -4.48
CA ASN A 317 18.84 -13.29 -5.52
C ASN A 317 17.33 -13.38 -5.30
N LEU A 318 16.74 -12.24 -4.95
CA LEU A 318 15.33 -12.17 -4.58
C LEU A 318 14.62 -11.08 -5.37
N GLY A 319 13.77 -11.50 -6.31
CA GLY A 319 12.94 -10.57 -7.09
C GLY A 319 11.56 -10.33 -6.48
N CYS A 320 10.76 -9.50 -7.14
CA CYS A 320 9.46 -9.10 -6.61
C CYS A 320 8.38 -9.13 -7.69
N ALA A 321 7.12 -9.20 -7.30
CA ALA A 321 6.04 -9.46 -8.28
C ALA A 321 4.62 -9.21 -7.79
N SER A 322 3.73 -9.01 -8.74
CA SER A 322 2.31 -8.77 -8.51
C SER A 322 1.56 -10.02 -8.02
N ASP A 323 2.01 -11.18 -8.49
CA ASP A 323 1.19 -12.39 -8.51
C ASP A 323 -0.13 -12.09 -9.24
N ASN A 324 -1.19 -12.82 -8.92
CA ASN A 324 -2.49 -12.66 -9.58
C ASN A 324 -3.04 -11.24 -9.47
N ILE A 325 -3.82 -10.85 -10.49
CA ILE A 325 -4.45 -9.54 -10.55
C ILE A 325 -5.93 -9.73 -10.83
N ARG A 326 -6.77 -9.37 -9.86
CA ARG A 326 -8.21 -9.28 -10.00
C ARG A 326 -8.84 -10.57 -10.51
N ASP A 327 -8.61 -11.64 -9.75
CA ASP A 327 -9.16 -12.96 -10.06
C ASP A 327 -9.63 -13.68 -8.80
N PHE A 328 -9.83 -14.98 -8.90
CA PHE A 328 -10.34 -15.81 -7.81
C PHE A 328 -9.25 -16.25 -6.82
N TRP A 329 -8.00 -15.80 -7.04
CA TRP A 329 -6.90 -15.99 -6.10
C TRP A 329 -6.59 -14.71 -5.29
N VAL A 330 -6.56 -13.57 -5.98
CA VAL A 330 -6.24 -12.28 -5.40
C VAL A 330 -7.18 -11.26 -6.01
N PRO A 331 -7.98 -10.55 -5.17
CA PRO A 331 -8.86 -9.53 -5.73
C PRO A 331 -8.13 -8.26 -6.13
N PHE A 332 -7.00 -7.98 -5.46
CA PHE A 332 -6.21 -6.78 -5.72
C PHE A 332 -5.46 -6.79 -7.06
N GLY A 333 -4.91 -5.64 -7.41
CA GLY A 333 -3.88 -5.55 -8.45
C GLY A 333 -4.01 -4.37 -9.36
N ASN A 334 -2.88 -3.64 -9.52
CA ASN A 334 -2.77 -2.57 -10.50
C ASN A 334 -1.58 -2.72 -11.45
N GLY A 335 -0.85 -3.81 -11.34
CA GLY A 335 0.33 -4.06 -12.17
C GLY A 335 1.41 -3.00 -12.01
N ASP A 336 1.47 -2.37 -10.85
CA ASP A 336 2.34 -1.23 -10.59
C ASP A 336 3.39 -1.64 -9.54
N MET A 337 4.62 -1.86 -10.00
CA MET A 337 5.70 -2.30 -9.13
C MET A 337 6.12 -1.24 -8.12
N VAL A 338 5.95 0.03 -8.46
CA VAL A 338 6.26 1.11 -7.50
C VAL A 338 5.25 1.11 -6.34
N GLN A 339 4.00 0.81 -6.67
CA GLN A 339 2.97 0.59 -5.65
C GLN A 339 3.30 -0.66 -4.83
N GLY A 340 3.71 -1.74 -5.50
CA GLY A 340 4.16 -2.95 -4.82
C GLY A 340 5.32 -2.70 -3.86
N ALA A 341 6.25 -1.84 -4.25
CA ALA A 341 7.34 -1.46 -3.36
C ALA A 341 6.82 -0.83 -2.07
N LEU A 342 5.87 0.11 -2.19
CA LEU A 342 5.26 0.70 -1.01
C LEU A 342 4.59 -0.39 -0.17
N ILE A 343 3.82 -1.25 -0.80
CA ILE A 343 3.18 -2.31 -0.07
C ILE A 343 4.20 -3.15 0.71
N GLU A 344 5.36 -3.44 0.11
CA GLU A 344 6.38 -4.27 0.79
C GLU A 344 6.96 -3.54 1.99
N THR A 345 7.23 -2.24 1.86
CA THR A 345 7.73 -1.47 3.00
C THR A 345 6.78 -1.55 4.18
N GLN A 346 5.49 -1.61 3.89
CA GLN A 346 4.45 -1.63 4.92
C GLN A 346 4.29 -3.04 5.51
N ARG A 347 4.32 -4.04 4.65
CA ARG A 347 4.26 -5.43 5.11
C ARG A 347 5.44 -5.76 6.02
N LEU A 348 6.62 -5.28 5.65
CA LEU A 348 7.88 -5.62 6.33
C LEU A 348 8.34 -4.55 7.33
N GLU A 349 7.59 -3.47 7.45
CA GLU A 349 7.87 -2.37 8.38
C GLU A 349 9.24 -1.72 8.21
N LEU A 350 9.50 -1.28 6.98
CA LEU A 350 10.76 -0.65 6.63
C LEU A 350 10.57 0.85 6.47
N LYS A 351 11.60 1.61 6.83
CA LYS A 351 11.59 3.08 6.78
C LYS A 351 12.93 3.73 6.36
N THR A 352 14.07 3.11 6.71
CA THR A 352 15.39 3.69 6.36
C THR A 352 15.59 3.80 4.87
N ASN A 353 16.40 4.77 4.46
CA ASN A 353 16.73 4.95 3.03
C ASN A 353 17.42 3.74 2.43
N ARG A 354 18.31 3.12 3.22
CA ARG A 354 18.94 1.86 2.83
C ARG A 354 17.92 0.78 2.50
N ASP A 355 16.94 0.57 3.38
CA ASP A 355 15.97 -0.51 3.18
C ASP A 355 15.04 -0.26 2.00
N LEU A 356 14.57 0.98 1.85
CA LEU A 356 13.77 1.33 0.68
C LEU A 356 14.56 1.16 -0.61
N GLY A 357 15.85 1.47 -0.55
CA GLY A 357 16.79 1.20 -1.65
C GLY A 357 16.95 -0.27 -2.01
N LEU A 358 16.88 -1.16 -1.01
CA LEU A 358 16.94 -2.60 -1.29
C LEU A 358 15.66 -3.08 -1.97
N ILE A 359 14.51 -2.56 -1.53
CA ILE A 359 13.23 -2.87 -2.20
C ILE A 359 13.26 -2.38 -3.65
N TRP A 360 13.85 -1.22 -3.89
CA TRP A 360 13.93 -0.71 -5.26
C TRP A 360 14.77 -1.65 -6.14
N LYS A 361 15.85 -2.18 -5.57
CA LYS A 361 16.65 -3.19 -6.27
C LYS A 361 15.79 -4.39 -6.60
N MET A 362 14.91 -4.80 -5.68
CA MET A 362 14.04 -5.95 -5.90
C MET A 362 13.11 -5.81 -7.10
N ILE A 363 12.61 -4.60 -7.34
CA ILE A 363 11.72 -4.38 -8.48
C ILE A 363 12.47 -4.04 -9.77
N THR A 364 13.80 -3.94 -9.67
CA THR A 364 14.65 -3.68 -10.84
C THR A 364 15.71 -4.78 -11.05
N SER A 365 16.92 -4.55 -10.57
CA SER A 365 18.08 -5.40 -10.93
C SER A 365 17.96 -6.84 -10.41
N GLU A 366 17.34 -7.04 -9.24
CA GLU A 366 17.12 -8.42 -8.76
C GLU A 366 16.18 -9.17 -9.67
N GLY A 367 15.12 -8.51 -10.11
CA GLY A 367 14.17 -9.13 -11.04
C GLY A 367 14.82 -9.49 -12.37
N ALA A 368 15.67 -8.60 -12.85
CA ALA A 368 16.38 -8.82 -14.10
C ALA A 368 17.21 -10.10 -14.00
N ARG A 369 17.92 -10.21 -12.88
CA ARG A 369 18.73 -11.38 -12.57
C ARG A 369 17.91 -12.67 -12.48
N VAL A 370 16.72 -12.60 -11.89
CA VAL A 370 15.82 -13.75 -11.86
C VAL A 370 15.43 -14.17 -13.27
N LEU A 371 15.15 -13.19 -14.11
CA LEU A 371 14.73 -13.45 -15.48
C LEU A 371 15.89 -13.86 -16.41
N GLY A 372 17.13 -13.61 -15.97
CA GLY A 372 18.32 -13.98 -16.73
C GLY A 372 18.75 -12.95 -17.76
N ILE A 373 18.30 -11.70 -17.61
CA ILE A 373 18.54 -10.64 -18.59
C ILE A 373 19.51 -9.58 -18.09
N GLU A 374 20.24 -9.89 -17.02
CA GLU A 374 21.07 -8.89 -16.36
C GLU A 374 22.18 -8.27 -17.23
N LYS A 375 22.71 -9.02 -18.19
CA LYS A 375 23.77 -8.51 -19.05
C LYS A 375 23.27 -7.34 -19.91
N ASN A 376 22.01 -7.38 -20.32
CA ASN A 376 21.41 -6.30 -21.09
C ASN A 376 20.60 -5.27 -20.28
N TYR A 377 20.65 -5.35 -18.95
CA TYR A 377 19.74 -4.57 -18.09
C TYR A 377 20.49 -3.51 -17.33
N GLY A 378 19.98 -2.29 -17.34
CA GLY A 378 20.56 -1.21 -16.53
C GLY A 378 20.77 0.02 -17.35
N ILE A 379 20.96 1.15 -16.68
CA ILE A 379 21.26 2.39 -17.38
C ILE A 379 22.78 2.52 -17.43
N GLU A 380 23.34 1.83 -18.43
CA GLU A 380 24.77 1.79 -18.69
C GLU A 380 24.95 1.75 -20.20
N VAL A 381 26.06 2.33 -20.66
CA VAL A 381 26.36 2.36 -22.08
C VAL A 381 26.42 0.92 -22.60
N GLY A 382 25.72 0.65 -23.69
CA GLY A 382 25.69 -0.67 -24.31
C GLY A 382 24.41 -1.45 -24.02
N LYS A 383 23.73 -1.08 -22.94
CA LYS A 383 22.55 -1.81 -22.52
C LYS A 383 21.29 -1.37 -23.25
N LYS A 384 20.22 -2.13 -23.07
N LYS A 384 20.22 -2.13 -23.07
CA LYS A 384 18.95 -1.88 -23.74
CA LYS A 384 18.95 -1.87 -23.73
C LYS A 384 18.30 -0.57 -23.27
C LYS A 384 18.30 -0.57 -23.27
N ALA A 385 17.82 0.20 -24.23
CA ALA A 385 17.15 1.48 -23.96
C ALA A 385 15.66 1.24 -23.65
N ASP A 386 15.44 0.57 -22.50
CA ASP A 386 14.14 0.27 -21.93
C ASP A 386 14.14 1.04 -20.61
N LEU A 387 13.44 2.17 -20.57
CA LEU A 387 13.59 3.09 -19.44
C LEU A 387 12.28 3.68 -19.00
N VAL A 388 12.26 4.16 -17.77
CA VAL A 388 11.11 4.83 -17.20
C VAL A 388 11.58 6.15 -16.63
N VAL A 389 10.98 7.24 -17.10
CA VAL A 389 11.19 8.56 -16.51
C VAL A 389 10.09 8.77 -15.46
N LEU A 390 10.50 8.94 -14.20
CA LEU A 390 9.57 9.16 -13.09
C LEU A 390 9.41 10.64 -12.73
N ASN A 391 8.33 10.93 -12.01
N ASN A 391 8.32 10.94 -12.02
CA ASN A 391 8.03 12.28 -11.53
CA ASN A 391 8.03 12.30 -11.52
C ASN A 391 8.45 12.45 -10.07
C ASN A 391 8.46 12.46 -10.07
N SER A 392 9.51 11.76 -9.66
CA SER A 392 10.06 11.85 -8.29
C SER A 392 11.59 11.94 -8.34
N LEU A 393 12.18 12.42 -7.25
CA LEU A 393 13.61 12.71 -7.20
C LEU A 393 14.54 11.51 -7.02
N SER A 394 14.03 10.42 -6.43
CA SER A 394 14.87 9.28 -6.08
C SER A 394 14.03 8.05 -5.88
N PRO A 395 14.65 6.87 -5.85
CA PRO A 395 13.92 5.65 -5.53
C PRO A 395 13.07 5.77 -4.27
N GLN A 396 13.65 6.35 -3.22
CA GLN A 396 12.99 6.50 -1.93
C GLN A 396 11.76 7.39 -2.06
N TRP A 397 11.92 8.55 -2.69
CA TRP A 397 10.79 9.45 -2.91
C TRP A 397 9.73 8.90 -3.82
N ALA A 398 10.12 8.09 -4.80
CA ALA A 398 9.14 7.47 -5.71
C ALA A 398 8.25 6.45 -4.98
N ILE A 399 8.87 5.65 -4.13
CA ILE A 399 8.12 4.73 -3.27
C ILE A 399 7.14 5.53 -2.36
N ILE A 400 7.64 6.60 -1.76
CA ILE A 400 6.87 7.37 -0.81
C ILE A 400 5.72 8.13 -1.46
N ASP A 401 6.00 8.87 -2.53
CA ASP A 401 4.98 9.75 -3.11
C ASP A 401 4.13 9.11 -4.19
N GLN A 402 4.53 7.94 -4.71
CA GLN A 402 3.73 7.20 -5.68
C GLN A 402 3.32 8.03 -6.91
N ALA A 403 4.17 8.95 -7.36
CA ALA A 403 3.77 9.80 -8.49
C ALA A 403 3.71 8.95 -9.75
N LYS A 404 2.80 9.35 -10.65
CA LYS A 404 2.58 8.65 -11.91
C LYS A 404 3.88 8.73 -12.73
N ARG A 405 4.07 7.76 -13.63
CA ARG A 405 5.20 7.76 -14.54
C ARG A 405 5.06 8.88 -15.58
N LEU A 406 6.13 9.64 -15.83
N LEU A 406 6.12 9.64 -15.83
CA LEU A 406 6.11 10.71 -16.84
CA LEU A 406 6.07 10.71 -16.83
C LEU A 406 6.19 10.12 -18.24
C LEU A 406 6.20 10.13 -18.25
N CYS A 407 7.12 9.20 -18.43
CA CYS A 407 7.41 8.63 -19.74
C CYS A 407 7.91 7.18 -19.65
N VAL A 408 7.49 6.33 -20.57
CA VAL A 408 8.06 5.00 -20.67
C VAL A 408 8.60 4.74 -22.08
N ILE A 409 9.81 4.17 -22.11
CA ILE A 409 10.58 3.93 -23.33
C ILE A 409 10.97 2.45 -23.42
N LYS A 410 10.64 1.84 -24.55
CA LYS A 410 10.93 0.44 -24.82
C LYS A 410 11.58 0.31 -26.19
N ASN A 411 12.69 -0.42 -26.26
CA ASN A 411 13.48 -0.56 -27.50
C ASN A 411 13.81 0.79 -28.11
N GLY A 412 14.15 1.75 -27.24
CA GLY A 412 14.51 3.11 -27.64
C GLY A 412 13.39 3.96 -28.23
N ARG A 413 12.15 3.48 -28.12
CA ARG A 413 10.98 4.18 -28.65
C ARG A 413 10.02 4.53 -27.50
N ILE A 414 9.46 5.74 -27.55
CA ILE A 414 8.51 6.18 -26.52
C ILE A 414 7.20 5.45 -26.71
N ILE A 415 6.75 4.73 -25.68
CA ILE A 415 5.51 3.96 -25.75
C ILE A 415 4.41 4.45 -24.78
N VAL A 416 4.81 5.20 -23.76
CA VAL A 416 3.88 5.78 -22.81
C VAL A 416 4.30 7.21 -22.53
N LYS A 417 3.34 8.12 -22.62
CA LYS A 417 3.52 9.52 -22.22
C LYS A 417 2.31 9.95 -21.45
N ASP A 418 2.53 10.49 -20.26
N ASP A 418 2.53 10.49 -20.25
CA ASP A 418 1.46 10.98 -19.38
CA ASP A 418 1.46 10.98 -19.37
C ASP A 418 0.23 10.08 -19.36
C ASP A 418 0.23 10.07 -19.36
N GLU A 419 0.38 8.88 -18.79
CA GLU A 419 -0.72 7.93 -18.57
C GLU A 419 -1.41 7.40 -19.84
N VAL A 420 -0.81 7.58 -21.01
CA VAL A 420 -1.43 7.11 -22.22
C VAL A 420 -0.41 6.30 -23.01
N ILE A 421 -0.86 5.18 -23.54
CA ILE A 421 -0.04 4.35 -24.40
C ILE A 421 -0.04 5.00 -25.80
N VAL A 422 1.12 5.47 -26.22
CA VAL A 422 1.26 6.20 -27.47
C VAL A 422 1.94 5.39 -28.55
N ALA A 423 2.15 4.10 -28.29
CA ALA A 423 2.67 3.20 -29.32
C ALA A 423 1.54 2.98 -30.33
N SER B 22 -39.68 24.95 -3.58
CA SER B 22 -39.89 26.36 -4.06
C SER B 22 -38.58 26.93 -4.62
N LYS B 23 -37.68 27.35 -3.73
CA LYS B 23 -36.26 27.51 -4.06
C LYS B 23 -35.72 26.21 -4.68
N ASP B 24 -34.69 26.30 -5.50
CA ASP B 24 -34.11 25.11 -6.07
C ASP B 24 -32.69 24.81 -5.52
N PHE B 25 -32.27 23.58 -5.77
CA PHE B 25 -31.05 23.09 -5.19
C PHE B 25 -29.83 23.93 -5.56
N ASP B 26 -28.97 24.18 -4.59
CA ASP B 26 -27.67 24.81 -4.84
C ASP B 26 -26.74 23.88 -5.60
N LEU B 27 -26.96 22.56 -5.47
CA LEU B 27 -26.06 21.57 -6.06
C LEU B 27 -26.76 20.24 -6.13
N ILE B 28 -26.58 19.55 -7.25
CA ILE B 28 -27.07 18.19 -7.41
C ILE B 28 -25.95 17.31 -7.90
N ILE B 29 -25.82 16.16 -7.25
CA ILE B 29 -24.95 15.11 -7.72
C ILE B 29 -25.81 14.08 -8.41
N ARG B 30 -25.53 13.82 -9.67
CA ARG B 30 -26.32 12.87 -10.46
C ARG B 30 -25.72 11.48 -10.44
N ASN B 31 -26.57 10.47 -10.52
CA ASN B 31 -26.15 9.08 -10.70
C ASN B 31 -25.10 8.59 -9.70
N ALA B 32 -25.37 8.83 -8.41
CA ALA B 32 -24.47 8.49 -7.32
C ALA B 32 -24.80 7.12 -6.77
N TYR B 33 -23.85 6.19 -6.88
CA TYR B 33 -23.99 4.91 -6.19
C TYR B 33 -23.73 5.14 -4.71
N LEU B 34 -24.66 4.70 -3.87
CA LEU B 34 -24.51 4.83 -2.41
C LEU B 34 -24.42 3.45 -1.77
N SER B 35 -23.33 3.19 -1.05
CA SER B 35 -23.05 1.83 -0.53
C SER B 35 -24.08 1.35 0.51
N GLU B 36 -24.48 2.23 1.41
CA GLU B 36 -25.45 1.85 2.47
C GLU B 36 -26.83 1.49 1.91
N LYS B 37 -27.22 2.10 0.80
CA LYS B 37 -28.52 1.81 0.19
C LYS B 37 -28.43 0.77 -0.94
N ASP B 38 -27.22 0.50 -1.40
CA ASP B 38 -26.97 -0.44 -2.49
C ASP B 38 -27.75 -0.09 -3.78
N SER B 39 -27.79 1.20 -4.12
CA SER B 39 -28.42 1.61 -5.37
C SER B 39 -27.95 3.00 -5.81
N VAL B 40 -28.37 3.41 -7.00
CA VAL B 40 -27.96 4.67 -7.62
C VAL B 40 -29.02 5.76 -7.45
N TYR B 41 -28.59 6.94 -7.00
CA TYR B 41 -29.50 8.03 -6.66
C TYR B 41 -28.95 9.39 -7.11
N ASP B 42 -29.84 10.34 -7.35
CA ASP B 42 -29.46 11.76 -7.41
C ASP B 42 -29.50 12.33 -5.99
N ILE B 43 -28.57 13.23 -5.69
CA ILE B 43 -28.47 13.85 -4.38
C ILE B 43 -28.60 15.35 -4.54
N GLY B 44 -29.56 15.93 -3.82
CA GLY B 44 -29.83 17.34 -3.91
C GLY B 44 -29.41 18.02 -2.64
N ILE B 45 -28.75 19.16 -2.79
CA ILE B 45 -28.11 19.86 -1.70
C ILE B 45 -28.52 21.31 -1.70
N VAL B 46 -28.76 21.84 -0.49
CA VAL B 46 -29.01 23.25 -0.28
C VAL B 46 -28.17 23.71 0.90
N GLY B 47 -27.49 24.83 0.73
CA GLY B 47 -26.53 25.29 1.73
C GLY B 47 -25.56 24.16 2.03
N ASP B 48 -25.36 23.87 3.31
CA ASP B 48 -24.42 22.82 3.70
C ASP B 48 -25.08 21.51 4.03
N ARG B 49 -26.31 21.30 3.56
CA ARG B 49 -27.09 20.14 3.94
C ARG B 49 -27.59 19.33 2.76
N ILE B 50 -27.70 18.03 2.97
CA ILE B 50 -28.39 17.15 2.04
C ILE B 50 -29.90 17.20 2.30
N ILE B 51 -30.65 17.52 1.25
CA ILE B 51 -32.07 17.80 1.34
C ILE B 51 -32.90 16.69 0.73
N LYS B 52 -32.39 16.07 -0.33
CA LYS B 52 -33.14 15.06 -1.03
C LYS B 52 -32.23 14.02 -1.62
N ILE B 53 -32.65 12.76 -1.52
CA ILE B 53 -31.98 11.66 -2.17
C ILE B 53 -33.07 10.84 -2.82
N GLU B 54 -33.12 10.88 -4.15
N GLU B 54 -33.14 10.88 -4.15
CA GLU B 54 -34.20 10.23 -4.93
CA GLU B 54 -34.18 10.17 -4.88
C GLU B 54 -33.61 9.61 -6.17
C GLU B 54 -33.60 9.59 -6.16
N ALA B 55 -34.24 8.56 -6.69
CA ALA B 55 -33.79 7.91 -7.91
C ALA B 55 -33.60 8.90 -9.06
N LYS B 56 -34.47 9.89 -9.15
CA LYS B 56 -34.33 10.95 -10.14
C LYS B 56 -34.85 12.24 -9.55
N ILE B 57 -34.03 13.28 -9.53
CA ILE B 57 -34.45 14.60 -9.05
C ILE B 57 -34.85 15.41 -10.27
N GLU B 58 -36.11 15.82 -10.32
CA GLU B 58 -36.64 16.51 -11.50
C GLU B 58 -36.14 17.94 -11.55
N GLY B 59 -35.79 18.39 -12.75
CA GLY B 59 -35.35 19.76 -12.92
C GLY B 59 -33.85 19.92 -12.80
N THR B 60 -33.32 20.83 -13.61
CA THR B 60 -31.90 21.14 -13.69
C THR B 60 -31.54 22.39 -12.88
N VAL B 61 -30.32 22.41 -12.34
CA VAL B 61 -29.76 23.58 -11.67
C VAL B 61 -28.42 23.94 -12.27
N LYS B 62 -27.93 25.12 -11.89
CA LYS B 62 -26.65 25.64 -12.36
C LYS B 62 -25.45 24.72 -12.07
N ASP B 63 -25.31 24.28 -10.81
CA ASP B 63 -24.17 23.49 -10.36
C ASP B 63 -24.58 22.01 -10.25
N GLU B 64 -24.08 21.22 -11.17
CA GLU B 64 -24.28 19.78 -11.18
C GLU B 64 -22.97 19.03 -11.37
N ILE B 65 -22.93 17.83 -10.82
CA ILE B 65 -21.81 16.92 -10.92
C ILE B 65 -22.38 15.56 -11.25
N ASP B 66 -21.92 14.96 -12.35
CA ASP B 66 -22.34 13.63 -12.73
C ASP B 66 -21.34 12.62 -12.21
N ALA B 67 -21.78 11.72 -11.35
CA ALA B 67 -20.92 10.68 -10.78
C ALA B 67 -20.88 9.45 -11.70
N LYS B 68 -21.72 9.44 -12.72
CA LYS B 68 -21.71 8.43 -13.76
C LYS B 68 -21.83 7.00 -13.24
N GLY B 69 -22.64 6.79 -12.19
CA GLY B 69 -22.88 5.45 -11.65
C GLY B 69 -21.83 5.00 -10.63
N ASN B 70 -20.85 5.85 -10.36
CA ASN B 70 -19.80 5.53 -9.40
C ASN B 70 -20.14 5.92 -7.96
N LEU B 71 -19.38 5.34 -7.04
CA LEU B 71 -19.53 5.55 -5.61
C LEU B 71 -19.37 6.99 -5.23
N VAL B 72 -20.31 7.48 -4.43
CA VAL B 72 -20.17 8.74 -3.72
C VAL B 72 -20.24 8.38 -2.25
N SER B 73 -19.35 8.99 -1.48
CA SER B 73 -19.10 8.62 -0.10
C SER B 73 -19.07 9.86 0.78
N PRO B 74 -19.37 9.71 2.07
CA PRO B 74 -19.10 10.85 2.93
C PRO B 74 -17.61 11.12 2.98
N GLY B 75 -17.22 12.32 3.42
CA GLY B 75 -15.82 12.66 3.58
C GLY B 75 -15.08 11.68 4.49
N PHE B 76 -13.84 11.38 4.14
CA PHE B 76 -13.04 10.44 4.89
C PHE B 76 -12.53 11.15 6.14
N VAL B 77 -12.29 10.34 7.17
CA VAL B 77 -11.83 10.82 8.46
C VAL B 77 -10.44 10.28 8.74
N ASP B 78 -9.48 11.19 8.84
CA ASP B 78 -8.11 10.87 9.21
C ASP B 78 -8.05 11.23 10.69
N ALA B 79 -8.22 10.23 11.53
CA ALA B 79 -8.51 10.47 12.96
C ALA B 79 -7.29 10.73 13.82
N HIS B 80 -6.10 10.79 13.20
CA HIS B 80 -4.86 10.98 13.96
C HIS B 80 -3.71 11.39 13.05
N THR B 81 -3.27 12.64 13.18
CA THR B 81 -2.18 13.22 12.39
C THR B 81 -1.29 14.10 13.25
N HIS B 82 -0.12 14.48 12.72
CA HIS B 82 0.78 15.43 13.35
C HIS B 82 1.12 16.52 12.35
N MET B 83 0.14 17.35 12.08
CA MET B 83 0.27 18.37 11.03
C MET B 83 1.43 19.35 11.25
N ASP B 84 1.68 19.67 12.53
CA ASP B 84 2.72 20.66 12.92
C ASP B 84 4.13 20.37 12.43
N LYS B 85 4.55 19.11 12.49
CA LYS B 85 5.91 18.71 12.11
C LYS B 85 5.96 17.92 10.77
N SER B 86 4.85 17.90 10.05
CA SER B 86 4.82 17.24 8.75
C SER B 86 5.75 17.90 7.72
N PHE B 87 6.18 17.10 6.75
CA PHE B 87 7.02 17.54 5.62
C PHE B 87 8.44 17.99 5.97
N THR B 88 8.85 17.80 7.23
CA THR B 88 10.19 18.19 7.67
C THR B 88 11.27 17.30 7.09
N SER B 89 10.90 16.12 6.54
CA SER B 89 11.87 15.24 5.90
C SER B 89 12.18 15.66 4.48
N THR B 90 11.37 16.54 3.90
CA THR B 90 11.50 16.93 2.48
C THR B 90 12.58 18.00 2.27
N GLY B 91 13.05 18.11 1.03
CA GLY B 91 13.97 19.19 0.64
C GLY B 91 15.22 18.74 -0.09
N GLU B 92 15.57 17.45 0.03
CA GLU B 92 16.76 16.89 -0.59
C GLU B 92 16.43 15.69 -1.48
N ARG B 93 17.46 15.17 -2.13
CA ARG B 93 17.37 14.02 -3.02
C ARG B 93 16.88 12.77 -2.26
N LEU B 94 17.37 12.57 -1.04
CA LEU B 94 16.89 11.52 -0.16
C LEU B 94 16.15 12.13 1.03
N PRO B 95 15.14 11.40 1.56
CA PRO B 95 14.50 11.87 2.79
C PRO B 95 15.51 12.13 3.91
N LYS B 96 15.39 13.28 4.55
CA LYS B 96 16.20 13.59 5.72
C LYS B 96 15.82 12.71 6.89
N PHE B 97 16.77 12.54 7.79
CA PHE B 97 16.60 11.77 9.04
C PHE B 97 16.64 10.25 8.92
N TRP B 98 16.55 9.68 7.71
CA TRP B 98 16.37 8.22 7.56
C TRP B 98 17.64 7.44 7.16
N SER B 99 18.80 7.91 7.60
CA SER B 99 20.04 7.12 7.55
C SER B 99 20.20 6.26 8.81
N ARG B 100 19.25 6.37 9.73
CA ARG B 100 19.25 5.62 11.00
C ARG B 100 17.84 5.07 11.26
N PRO B 101 17.73 3.91 11.93
CA PRO B 101 16.42 3.30 12.20
C PRO B 101 15.56 4.01 13.25
N TYR B 102 14.25 3.80 13.17
CA TYR B 102 13.30 4.45 14.08
C TYR B 102 13.42 3.96 15.52
N THR B 103 13.51 4.89 16.46
CA THR B 103 13.12 4.66 17.87
C THR B 103 12.39 5.89 18.37
N ARG B 104 11.39 5.66 19.23
CA ARG B 104 10.60 6.75 19.78
C ARG B 104 11.50 7.86 20.35
N ASP B 105 12.38 7.49 21.27
CA ASP B 105 13.24 8.49 21.95
C ASP B 105 14.17 9.29 21.03
N ALA B 106 14.70 8.67 19.98
CA ALA B 106 15.54 9.41 19.03
C ALA B 106 14.70 10.42 18.18
N ALA B 107 13.49 10.02 17.82
CA ALA B 107 12.58 10.88 17.10
C ALA B 107 12.11 12.04 17.99
N ILE B 108 11.99 11.80 19.29
CA ILE B 108 11.69 12.88 20.23
C ILE B 108 12.82 13.90 20.20
N GLU B 109 14.06 13.42 20.25
CA GLU B 109 15.24 14.28 20.16
C GLU B 109 15.29 15.11 18.87
N ASP B 110 15.05 14.46 17.73
CA ASP B 110 15.02 15.19 16.44
C ASP B 110 13.97 16.32 16.46
N GLY B 111 12.86 16.08 17.16
CA GLY B 111 11.80 17.05 17.26
C GLY B 111 12.22 18.26 18.06
N LEU B 112 12.88 18.02 19.19
CA LEU B 112 13.39 19.10 20.05
C LEU B 112 14.42 19.93 19.28
N LYS B 113 15.27 19.26 18.51
CA LYS B 113 16.23 19.96 17.69
C LYS B 113 15.50 20.80 16.61
N TYR B 114 14.54 20.19 15.93
CA TYR B 114 13.80 20.90 14.90
C TYR B 114 13.06 22.13 15.44
N TYR B 115 12.29 21.95 16.50
CA TYR B 115 11.49 23.04 17.06
C TYR B 115 12.27 24.19 17.66
N LYS B 116 13.56 23.98 17.94
CA LYS B 116 14.41 25.04 18.44
C LYS B 116 14.44 26.20 17.45
N ASN B 117 14.67 25.89 16.18
CA ASN B 117 14.83 26.91 15.14
C ASN B 117 13.63 27.10 14.22
N ALA B 118 12.62 26.27 14.35
CA ALA B 118 11.46 26.36 13.46
C ALA B 118 10.70 27.67 13.70
N THR B 119 10.25 28.30 12.63
CA THR B 119 9.49 29.55 12.73
C THR B 119 7.99 29.30 12.65
N HIS B 120 7.24 30.26 13.21
CA HIS B 120 5.79 30.26 13.14
C HIS B 120 5.28 30.05 11.70
N GLU B 121 5.90 30.72 10.74
N GLU B 121 5.88 30.73 10.72
CA GLU B 121 5.45 30.67 9.35
CA GLU B 121 5.38 30.64 9.34
C GLU B 121 5.75 29.33 8.65
C GLU B 121 5.72 29.29 8.69
N GLU B 122 6.88 28.72 9.02
CA GLU B 122 7.26 27.41 8.48
C GLU B 122 6.30 26.31 8.97
N ILE B 123 5.95 26.39 10.25
CA ILE B 123 5.06 25.40 10.84
C ILE B 123 3.69 25.54 10.20
N LYS B 124 3.20 26.78 10.14
CA LYS B 124 1.93 27.09 9.51
C LYS B 124 1.87 26.60 8.06
N ARG B 125 2.93 26.85 7.29
CA ARG B 125 2.99 26.43 5.90
C ARG B 125 2.85 24.90 5.78
N HIS B 126 3.44 24.19 6.73
CA HIS B 126 3.39 22.73 6.75
C HIS B 126 2.00 22.24 7.06
N VAL B 127 1.35 22.91 8.00
CA VAL B 127 0.00 22.53 8.34
C VAL B 127 -0.90 22.68 7.10
N ILE B 128 -0.79 23.81 6.41
CA ILE B 128 -1.64 24.08 5.23
C ILE B 128 -1.35 23.09 4.10
N GLU B 129 -0.07 22.86 3.84
CA GLU B 129 0.34 21.87 2.84
C GLU B 129 -0.25 20.49 3.17
N HIS B 130 -0.22 20.10 4.44
CA HIS B 130 -0.77 18.82 4.91
C HIS B 130 -2.25 18.74 4.60
N ALA B 131 -2.96 19.78 5.01
CA ALA B 131 -4.40 19.87 4.82
C ALA B 131 -4.79 19.86 3.33
N HIS B 132 -4.05 20.60 2.51
CA HIS B 132 -4.31 20.58 1.06
C HIS B 132 -4.16 19.16 0.48
N MET B 133 -3.13 18.45 0.92
CA MET B 133 -2.90 17.07 0.46
C MET B 133 -4.04 16.16 0.89
N GLN B 134 -4.53 16.34 2.12
CA GLN B 134 -5.66 15.56 2.62
C GLN B 134 -6.94 15.80 1.84
N VAL B 135 -7.29 17.07 1.62
N VAL B 135 -7.28 17.08 1.63
CA VAL B 135 -8.56 17.37 0.94
CA VAL B 135 -8.52 17.42 0.95
C VAL B 135 -8.53 16.94 -0.52
C VAL B 135 -8.53 16.97 -0.51
N LEU B 136 -7.37 17.00 -1.17
CA LEU B 136 -7.23 16.47 -2.54
C LEU B 136 -7.62 14.97 -2.60
N HIS B 137 -7.44 14.24 -1.51
CA HIS B 137 -7.78 12.82 -1.47
C HIS B 137 -9.11 12.50 -0.82
N GLY B 138 -9.90 13.54 -0.54
CA GLY B 138 -11.26 13.35 -0.04
C GLY B 138 -11.42 13.30 1.46
N THR B 139 -10.38 13.65 2.21
CA THR B 139 -10.48 13.73 3.65
C THR B 139 -10.99 15.10 4.04
N LEU B 140 -12.11 15.14 4.77
CA LEU B 140 -12.74 16.41 5.17
C LEU B 140 -12.81 16.64 6.68
N TYR B 141 -12.32 15.66 7.45
CA TYR B 141 -12.22 15.79 8.89
C TYR B 141 -10.91 15.16 9.36
N THR B 142 -10.20 15.85 10.24
CA THR B 142 -9.01 15.27 10.83
C THR B 142 -8.77 15.72 12.28
N ARG B 143 -8.10 14.87 13.04
CA ARG B 143 -7.66 15.22 14.40
C ARG B 143 -6.16 15.20 14.43
N THR B 144 -5.54 16.34 14.70
CA THR B 144 -4.10 16.46 14.71
C THR B 144 -3.62 16.70 16.11
N HIS B 145 -2.44 16.15 16.41
CA HIS B 145 -1.79 16.39 17.67
C HIS B 145 -0.77 17.48 17.37
N VAL B 146 -0.39 18.23 18.40
N VAL B 146 -0.38 18.22 18.40
CA VAL B 146 0.59 19.30 18.29
CA VAL B 146 0.61 19.28 18.26
C VAL B 146 1.55 19.19 19.45
C VAL B 146 1.55 19.19 19.44
N ASP B 147 2.84 19.18 19.16
CA ASP B 147 3.86 19.05 20.19
C ASP B 147 3.77 20.24 21.13
N VAL B 148 3.59 19.96 22.41
CA VAL B 148 3.73 20.98 23.45
C VAL B 148 4.79 20.50 24.43
N ASP B 149 5.91 21.23 24.47
CA ASP B 149 7.00 20.92 25.39
C ASP B 149 7.87 22.16 25.59
N SER B 150 8.93 22.06 26.39
CA SER B 150 9.69 23.24 26.80
C SER B 150 10.48 23.91 25.67
N VAL B 151 10.59 23.27 24.52
CA VAL B 151 11.30 23.87 23.38
C VAL B 151 10.31 24.46 22.38
N ALA B 152 9.28 23.71 22.03
CA ALA B 152 8.22 24.20 21.14
C ALA B 152 7.34 25.22 21.85
N LYS B 153 7.20 25.08 23.17
CA LYS B 153 6.32 25.92 23.97
C LYS B 153 4.92 25.90 23.37
N THR B 154 4.32 27.07 23.11
CA THR B 154 3.03 27.17 22.45
C THR B 154 3.17 27.68 21.02
N LYS B 155 4.40 27.75 20.53
CA LYS B 155 4.64 28.22 19.17
C LYS B 155 3.90 27.35 18.14
N ALA B 156 3.98 26.03 18.29
CA ALA B 156 3.34 25.12 17.33
C ALA B 156 1.84 25.23 17.44
N VAL B 157 1.34 25.28 18.66
CA VAL B 157 -0.08 25.42 18.92
C VAL B 157 -0.63 26.68 18.22
N GLU B 158 0.09 27.79 18.37
CA GLU B 158 -0.34 29.06 17.80
C GLU B 158 -0.46 28.94 16.27
N ALA B 159 0.57 28.37 15.66
CA ALA B 159 0.59 28.21 14.22
C ALA B 159 -0.55 27.30 13.75
N VAL B 160 -0.78 26.20 14.46
CA VAL B 160 -1.81 25.25 14.08
C VAL B 160 -3.20 25.85 14.21
N LEU B 161 -3.44 26.56 15.30
CA LEU B 161 -4.77 27.16 15.53
C LEU B 161 -5.04 28.24 14.49
N GLU B 162 -4.00 28.95 14.11
CA GLU B 162 -4.13 29.99 13.12
C GLU B 162 -4.44 29.37 11.76
N ALA B 163 -3.70 28.33 11.40
CA ALA B 163 -3.92 27.67 10.11
C ALA B 163 -5.29 27.04 10.06
N LYS B 164 -5.73 26.52 11.20
CA LYS B 164 -7.04 25.92 11.31
C LYS B 164 -8.16 26.91 10.95
N GLU B 165 -8.03 28.14 11.42
CA GLU B 165 -8.97 29.21 11.10
C GLU B 165 -8.99 29.48 9.58
N GLU B 166 -7.82 29.59 8.96
CA GLU B 166 -7.72 29.80 7.50
C GLU B 166 -8.23 28.63 6.63
N LEU B 167 -8.31 27.43 7.21
CA LEU B 167 -8.69 26.22 6.46
C LEU B 167 -10.14 25.77 6.65
N LYS B 168 -10.92 26.51 7.42
CA LYS B 168 -12.33 26.15 7.74
C LYS B 168 -13.19 25.75 6.56
N ASP B 169 -13.00 26.39 5.40
CA ASP B 169 -13.82 26.08 4.23
C ASP B 169 -13.38 24.80 3.51
N LEU B 170 -12.24 24.22 3.91
CA LEU B 170 -11.73 22.99 3.27
C LEU B 170 -11.87 21.74 4.12
N ILE B 171 -11.56 21.88 5.41
CA ILE B 171 -11.42 20.72 6.28
C ILE B 171 -11.68 21.12 7.74
N ASP B 172 -12.42 20.28 8.47
CA ASP B 172 -12.58 20.45 9.92
C ASP B 172 -11.44 19.78 10.66
N ILE B 173 -10.82 20.54 11.56
CA ILE B 173 -9.67 20.08 12.30
C ILE B 173 -9.96 20.17 13.81
N GLN B 174 -9.82 19.05 14.52
CA GLN B 174 -9.71 19.02 15.97
C GLN B 174 -8.25 18.96 16.36
N VAL B 175 -7.88 19.71 17.40
CA VAL B 175 -6.48 19.89 17.77
C VAL B 175 -6.24 19.34 19.17
N VAL B 176 -5.28 18.42 19.28
CA VAL B 176 -4.93 17.82 20.56
C VAL B 176 -3.66 18.46 21.10
N ALA B 177 -3.75 19.06 22.29
CA ALA B 177 -2.57 19.57 22.99
C ALA B 177 -1.85 18.35 23.55
N PHE B 178 -0.66 18.09 23.02
CA PHE B 178 -0.02 16.79 23.14
C PHE B 178 1.32 16.96 23.81
N ALA B 179 1.43 16.44 25.03
CA ALA B 179 2.69 16.50 25.79
C ALA B 179 3.66 15.43 25.31
N GLN B 180 4.33 15.72 24.20
CA GLN B 180 5.16 14.75 23.48
C GLN B 180 6.35 14.26 24.29
N SER B 181 6.93 15.13 25.11
CA SER B 181 8.12 14.76 25.91
C SER B 181 7.75 14.00 27.19
N GLY B 182 6.52 14.14 27.67
CA GLY B 182 6.08 13.49 28.90
C GLY B 182 5.96 14.51 30.03
N PHE B 183 4.83 14.49 30.72
CA PHE B 183 4.58 15.37 31.86
C PHE B 183 5.61 15.24 32.98
N PHE B 184 6.13 14.02 33.20
CA PHE B 184 7.08 13.78 34.29
C PHE B 184 8.50 13.70 33.81
N VAL B 185 8.73 13.98 32.52
CA VAL B 185 10.10 14.05 31.99
C VAL B 185 10.45 15.51 31.67
N ASP B 186 9.56 16.20 30.95
CA ASP B 186 9.69 17.66 30.76
C ASP B 186 8.72 18.31 31.72
N LEU B 187 9.25 18.82 32.84
CA LEU B 187 8.41 19.34 33.92
C LEU B 187 7.71 20.68 33.62
N GLU B 188 8.11 21.34 32.53
N GLU B 188 8.11 21.35 32.54
CA GLU B 188 7.41 22.54 32.05
CA GLU B 188 7.39 22.54 32.11
C GLU B 188 6.12 22.20 31.27
C GLU B 188 6.17 22.20 31.22
N SER B 189 5.88 20.91 31.07
CA SER B 189 4.78 20.46 30.21
C SER B 189 3.42 20.82 30.76
N GLU B 190 3.24 20.62 32.06
CA GLU B 190 1.92 20.87 32.66
C GLU B 190 1.45 22.30 32.41
N SER B 191 2.32 23.30 32.62
CA SER B 191 1.91 24.71 32.49
C SER B 191 1.70 25.09 31.03
N LEU B 192 2.57 24.60 30.17
CA LEU B 192 2.46 24.83 28.72
C LEU B 192 1.18 24.22 28.14
N ILE B 193 0.78 23.06 28.63
CA ILE B 193 -0.46 22.43 28.17
C ILE B 193 -1.68 23.27 28.59
N ARG B 194 -1.65 23.77 29.83
CA ARG B 194 -2.76 24.60 30.35
C ARG B 194 -2.99 25.82 29.48
N LYS B 195 -1.89 26.49 29.10
CA LYS B 195 -2.03 27.65 28.22
C LYS B 195 -2.52 27.20 26.86
N SER B 196 -1.96 26.11 26.33
CA SER B 196 -2.37 25.58 25.04
C SER B 196 -3.88 25.35 24.99
N LEU B 197 -4.42 24.76 26.05
CA LEU B 197 -5.86 24.56 26.15
C LEU B 197 -6.62 25.88 26.33
N ASP B 198 -5.99 26.83 27.01
CA ASP B 198 -6.57 28.14 27.18
C ASP B 198 -6.65 28.89 25.85
N MET B 199 -5.66 28.67 25.00
CA MET B 199 -5.66 29.22 23.63
C MET B 199 -6.73 28.60 22.74
N GLY B 200 -7.27 27.44 23.11
CA GLY B 200 -8.39 26.85 22.39
C GLY B 200 -8.20 25.47 21.74
N CYS B 201 -7.16 24.75 22.13
CA CYS B 201 -7.05 23.33 21.72
C CYS B 201 -8.29 22.56 22.20
N ASP B 202 -8.70 21.56 21.44
CA ASP B 202 -9.97 20.87 21.61
C ASP B 202 -9.89 19.63 22.50
N LEU B 203 -8.70 19.06 22.60
CA LEU B 203 -8.45 17.85 23.41
C LEU B 203 -7.10 17.94 24.04
N VAL B 204 -6.84 17.04 24.99
CA VAL B 204 -5.53 16.94 25.61
C VAL B 204 -5.05 15.49 25.58
N GLY B 205 -3.74 15.31 25.49
CA GLY B 205 -3.18 13.96 25.50
C GLY B 205 -1.72 13.90 25.89
N GLY B 206 -1.31 12.72 26.34
CA GLY B 206 0.10 12.43 26.58
C GLY B 206 0.60 11.23 25.80
N VAL B 207 1.75 10.74 26.25
CA VAL B 207 2.44 9.62 25.64
C VAL B 207 2.96 8.58 26.68
N ASP B 208 2.82 7.31 26.33
CA ASP B 208 3.39 6.18 27.05
C ASP B 208 3.61 6.37 28.56
N PRO B 209 2.52 6.26 29.33
CA PRO B 209 2.56 6.38 30.78
C PRO B 209 3.58 5.50 31.45
N ALA B 210 3.85 4.32 30.87
CA ALA B 210 4.86 3.43 31.41
C ALA B 210 6.26 3.75 30.90
N THR B 211 6.59 3.43 29.66
CA THR B 211 8.02 3.46 29.27
C THR B 211 8.58 4.86 28.98
N ARG B 212 7.73 5.87 28.92
CA ARG B 212 8.24 7.22 28.72
C ARG B 212 8.17 8.02 30.02
N GLU B 213 7.02 7.99 30.67
CA GLU B 213 6.81 8.76 31.89
C GLU B 213 7.36 8.08 33.14
N ASN B 214 7.45 6.74 33.11
CA ASN B 214 7.76 5.94 34.28
C ASN B 214 6.85 6.23 35.45
N ASN B 215 5.56 6.43 35.17
CA ASN B 215 4.58 6.75 36.20
C ASN B 215 3.15 6.69 35.65
N VAL B 216 2.56 5.50 35.69
CA VAL B 216 1.28 5.24 35.03
C VAL B 216 0.14 5.99 35.73
N GLU B 217 0.05 5.81 37.04
CA GLU B 217 -0.99 6.47 37.82
C GLU B 217 -0.91 7.99 37.72
N GLY B 218 0.30 8.52 37.84
CA GLY B 218 0.49 9.96 37.93
C GLY B 218 0.25 10.67 36.61
N SER B 219 0.80 10.12 35.52
CA SER B 219 0.61 10.71 34.21
C SER B 219 -0.86 10.71 33.84
N LEU B 220 -1.55 9.59 34.04
CA LEU B 220 -2.96 9.52 33.71
C LEU B 220 -3.81 10.47 34.56
N ASP B 221 -3.59 10.49 35.87
CA ASP B 221 -4.36 11.35 36.78
C ASP B 221 -4.18 12.82 36.40
N LEU B 222 -2.96 13.22 36.08
CA LEU B 222 -2.67 14.58 35.67
C LEU B 222 -3.43 14.96 34.39
N CYS B 223 -3.38 14.06 33.41
CA CYS B 223 -4.11 14.27 32.17
C CYS B 223 -5.61 14.49 32.40
N PHE B 224 -6.22 13.69 33.28
CA PHE B 224 -7.66 13.85 33.57
C PHE B 224 -7.92 15.16 34.31
N LYS B 225 -7.00 15.57 35.18
CA LYS B 225 -7.17 16.84 35.91
C LYS B 225 -7.23 18.01 34.94
N LEU B 226 -6.28 18.05 34.01
CA LEU B 226 -6.24 19.11 32.98
C LEU B 226 -7.46 19.06 32.07
N ALA B 227 -7.84 17.86 31.66
CA ALA B 227 -9.02 17.68 30.80
C ALA B 227 -10.31 18.21 31.45
N LYS B 228 -10.44 17.99 32.75
CA LYS B 228 -11.60 18.47 33.50
C LYS B 228 -11.56 19.99 33.74
N GLU B 229 -10.37 20.55 33.94
N GLU B 229 -10.37 20.57 33.93
CA GLU B 229 -10.22 21.97 34.14
CA GLU B 229 -10.29 22.02 34.15
C GLU B 229 -10.76 22.77 32.94
C GLU B 229 -10.70 22.83 32.93
N TYR B 230 -10.53 22.27 31.72
CA TYR B 230 -10.97 22.96 30.51
C TYR B 230 -12.15 22.29 29.81
N ASP B 231 -12.71 21.27 30.45
CA ASP B 231 -13.84 20.54 29.90
C ASP B 231 -13.55 20.05 28.46
N VAL B 232 -12.40 19.42 28.27
CA VAL B 232 -12.03 18.85 26.96
C VAL B 232 -11.93 17.33 26.98
N ASP B 233 -12.08 16.71 25.81
CA ASP B 233 -11.89 15.27 25.62
C ASP B 233 -10.42 14.90 25.61
N ILE B 234 -10.13 13.60 25.69
CA ILE B 234 -8.75 13.11 25.80
C ILE B 234 -8.37 12.17 24.64
N ASP B 235 -7.16 12.34 24.10
CA ASP B 235 -6.58 11.39 23.12
C ASP B 235 -5.17 11.04 23.49
N TYR B 236 -4.97 9.81 23.97
CA TYR B 236 -3.69 9.38 24.49
C TYR B 236 -2.93 8.48 23.50
N HIS B 237 -1.65 8.77 23.29
CA HIS B 237 -0.73 7.92 22.52
C HIS B 237 -0.25 6.79 23.41
N ILE B 238 -0.65 5.56 23.13
CA ILE B 238 -0.06 4.42 23.83
C ILE B 238 0.54 3.44 22.82
N HIS B 239 1.84 3.57 22.62
N HIS B 239 1.84 3.60 22.59
CA HIS B 239 2.61 2.74 21.71
CA HIS B 239 2.65 2.76 21.70
C HIS B 239 3.27 1.53 22.40
C HIS B 239 3.26 1.53 22.39
N ASP B 240 3.34 1.53 23.72
CA ASP B 240 3.99 0.45 24.46
C ASP B 240 3.44 -0.93 24.13
N ILE B 241 4.34 -1.86 23.82
CA ILE B 241 3.94 -3.18 23.33
C ILE B 241 3.66 -4.14 24.46
N GLY B 242 2.94 -5.19 24.12
CA GLY B 242 2.71 -6.28 25.04
C GLY B 242 1.84 -5.96 26.23
N THR B 243 2.03 -6.71 27.30
CA THR B 243 1.17 -6.61 28.47
C THR B 243 1.28 -5.21 29.15
N VAL B 244 2.42 -4.55 29.02
CA VAL B 244 2.58 -3.23 29.65
C VAL B 244 1.65 -2.22 28.95
N GLY B 245 1.44 -2.40 27.65
CA GLY B 245 0.55 -1.53 26.90
C GLY B 245 -0.90 -1.76 27.28
N VAL B 246 -1.28 -3.03 27.38
CA VAL B 246 -2.64 -3.36 27.70
C VAL B 246 -2.96 -2.89 29.12
N TYR B 247 -2.03 -3.12 30.05
CA TYR B 247 -2.19 -2.62 31.41
C TYR B 247 -2.39 -1.10 31.42
N SER B 248 -1.59 -0.39 30.65
CA SER B 248 -1.71 1.06 30.59
C SER B 248 -3.09 1.51 30.13
N ILE B 249 -3.64 0.81 29.12
CA ILE B 249 -4.92 1.17 28.53
C ILE B 249 -6.07 0.79 29.48
N ASN B 250 -5.89 -0.31 30.20
CA ASN B 250 -6.84 -0.73 31.21
C ASN B 250 -6.97 0.29 32.35
N ARG B 251 -5.83 0.83 32.80
CA ARG B 251 -5.84 1.84 33.82
C ARG B 251 -6.54 3.07 33.26
N LEU B 252 -6.24 3.44 32.01
CA LEU B 252 -6.85 4.57 31.36
C LEU B 252 -8.36 4.42 31.36
N ALA B 253 -8.83 3.26 30.93
CA ALA B 253 -10.26 2.97 30.84
C ALA B 253 -10.95 2.99 32.19
N GLN B 254 -10.26 2.48 33.21
CA GLN B 254 -10.81 2.44 34.56
C GLN B 254 -10.94 3.87 35.14
N LYS B 255 -9.89 4.67 34.97
CA LYS B 255 -9.93 6.08 35.35
C LYS B 255 -10.94 6.87 34.50
N THR B 256 -11.23 6.41 33.30
CA THR B 256 -12.24 7.05 32.46
C THR B 256 -13.60 6.96 33.14
N ILE B 257 -13.88 5.78 33.70
CA ILE B 257 -15.13 5.55 34.43
C ILE B 257 -15.15 6.35 35.74
N GLU B 258 -14.08 6.25 36.51
CA GLU B 258 -13.99 6.92 37.82
C GLU B 258 -14.17 8.43 37.71
N ASN B 259 -13.73 9.02 36.60
CA ASN B 259 -13.82 10.47 36.39
C ASN B 259 -15.07 10.93 35.64
N GLY B 260 -16.02 10.03 35.39
CA GLY B 260 -17.24 10.38 34.67
C GLY B 260 -17.02 10.81 33.23
N TYR B 261 -16.02 10.21 32.57
CA TYR B 261 -15.59 10.59 31.22
C TYR B 261 -15.90 9.53 30.19
N LYS B 262 -16.91 8.71 30.45
CA LYS B 262 -17.32 7.71 29.46
C LYS B 262 -17.52 8.39 28.11
N GLY B 263 -17.02 7.76 27.06
CA GLY B 263 -17.18 8.30 25.71
C GLY B 263 -16.27 9.45 25.34
N ARG B 264 -15.47 9.95 26.27
CA ARG B 264 -14.70 11.18 26.00
C ARG B 264 -13.20 10.90 25.85
N VAL B 265 -12.84 9.63 25.76
CA VAL B 265 -11.45 9.24 25.75
C VAL B 265 -11.11 8.38 24.54
N THR B 266 -10.02 8.72 23.87
CA THR B 266 -9.50 7.94 22.74
C THR B 266 -8.10 7.42 23.09
N THR B 267 -7.83 6.16 22.73
CA THR B 267 -6.50 5.58 22.80
C THR B 267 -5.98 5.43 21.38
N SER B 268 -4.89 6.14 21.07
CA SER B 268 -4.26 6.07 19.75
C SER B 268 -3.15 5.00 19.72
N ALA B 269 -3.03 4.33 18.58
CA ALA B 269 -2.06 3.26 18.29
C ALA B 269 -2.45 1.90 18.88
N ALA B 270 -2.29 1.72 20.19
CA ALA B 270 -2.60 0.44 20.83
C ALA B 270 -1.96 -0.75 20.12
N TRP B 271 -0.69 -0.63 19.75
CA TRP B 271 0.06 -1.73 19.15
C TRP B 271 0.05 -2.99 20.01
N CYS B 272 -0.02 -2.78 21.32
CA CYS B 272 0.01 -3.86 22.29
C CYS B 272 -1.05 -4.95 22.07
N PHE B 273 -2.18 -4.62 21.47
CA PHE B 273 -3.21 -5.65 21.20
C PHE B 273 -2.72 -6.71 20.21
N ALA B 274 -1.66 -6.40 19.48
CA ALA B 274 -1.10 -7.35 18.51
C ALA B 274 -0.28 -8.45 19.18
N ASP B 275 0.51 -8.10 20.19
CA ASP B 275 1.43 -9.09 20.79
C ASP B 275 1.10 -9.52 22.22
N ALA B 276 0.23 -8.81 22.93
CA ALA B 276 -0.23 -9.25 24.24
C ALA B 276 -1.05 -10.51 24.05
N PRO B 277 -1.12 -11.40 25.06
CA PRO B 277 -1.88 -12.63 24.84
C PRO B 277 -3.35 -12.29 24.59
N SER B 278 -3.98 -13.08 23.74
CA SER B 278 -5.34 -12.74 23.32
C SER B 278 -6.32 -12.73 24.50
N GLU B 279 -6.06 -13.52 25.53
N GLU B 279 -6.03 -13.53 25.53
CA GLU B 279 -6.95 -13.58 26.69
CA GLU B 279 -6.85 -13.60 26.74
C GLU B 279 -6.91 -12.24 27.48
C GLU B 279 -6.90 -12.26 27.49
N TRP B 280 -5.85 -11.46 27.34
CA TRP B 280 -5.80 -10.13 27.97
C TRP B 280 -6.77 -9.18 27.31
N LEU B 281 -6.85 -9.25 25.98
CA LEU B 281 -7.79 -8.44 25.24
C LEU B 281 -9.22 -8.94 25.48
N ASP B 282 -9.42 -10.25 25.48
CA ASP B 282 -10.77 -10.83 25.77
C ASP B 282 -11.31 -10.32 27.10
N GLU B 283 -10.47 -10.37 28.13
N GLU B 283 -10.50 -10.36 28.15
CA GLU B 283 -10.83 -9.89 29.48
CA GLU B 283 -10.96 -9.90 29.46
C GLU B 283 -11.15 -8.40 29.50
C GLU B 283 -11.07 -8.38 29.58
N ALA B 284 -10.41 -7.62 28.71
CA ALA B 284 -10.53 -6.14 28.75
C ALA B 284 -11.70 -5.54 27.95
N ILE B 285 -12.20 -6.29 26.98
CA ILE B 285 -13.24 -5.77 26.08
C ILE B 285 -14.48 -5.23 26.82
N PRO B 286 -15.00 -5.96 27.82
CA PRO B 286 -16.13 -5.42 28.57
C PRO B 286 -15.81 -4.11 29.28
N LEU B 287 -14.59 -3.97 29.77
CA LEU B 287 -14.17 -2.74 30.39
C LEU B 287 -14.16 -1.58 29.36
N TYR B 288 -13.69 -1.88 28.16
CA TYR B 288 -13.61 -0.88 27.10
C TYR B 288 -15.00 -0.44 26.64
N LYS B 289 -15.92 -1.40 26.54
CA LYS B 289 -17.33 -1.09 26.23
C LYS B 289 -17.99 -0.29 27.34
N ASP B 290 -17.82 -0.71 28.59
N ASP B 290 -17.83 -0.73 28.59
CA ASP B 290 -18.37 0.00 29.74
CA ASP B 290 -18.33 -0.01 29.77
C ASP B 290 -17.83 1.45 29.82
C ASP B 290 -17.83 1.43 29.82
N SER B 291 -16.55 1.64 29.52
CA SER B 291 -15.97 2.98 29.53
C SER B 291 -16.23 3.76 28.23
N GLY B 292 -16.75 3.09 27.20
CA GLY B 292 -16.92 3.75 25.89
C GLY B 292 -15.60 4.16 25.27
N MET B 293 -14.54 3.39 25.54
CA MET B 293 -13.23 3.70 25.02
C MET B 293 -13.26 3.64 23.50
N LYS B 294 -12.66 4.64 22.88
CA LYS B 294 -12.50 4.69 21.44
C LYS B 294 -11.03 4.47 21.08
N PHE B 295 -10.81 3.92 19.89
CA PHE B 295 -9.46 3.57 19.43
C PHE B 295 -9.18 4.08 18.03
N VAL B 296 -7.94 4.44 17.78
CA VAL B 296 -7.44 4.75 16.44
C VAL B 296 -6.18 3.95 16.15
N THR B 297 -6.20 3.21 15.02
CA THR B 297 -5.02 2.53 14.51
C THR B 297 -4.53 3.26 13.25
N CYS B 298 -3.23 3.52 13.17
CA CYS B 298 -2.67 4.28 12.08
C CYS B 298 -2.07 3.35 11.07
N PHE B 299 -2.39 3.57 9.79
CA PHE B 299 -2.00 2.64 8.73
C PHE B 299 -0.53 2.68 8.39
N SER B 300 0.18 3.68 8.93
CA SER B 300 1.62 3.71 8.88
C SER B 300 2.29 2.84 9.95
N SER B 301 1.53 2.17 10.82
CA SER B 301 2.14 1.28 11.83
C SER B 301 1.29 0.11 12.29
N THR B 302 0.06 -0.03 11.81
CA THR B 302 -0.82 -1.08 12.31
C THR B 302 -0.10 -2.43 12.25
N PRO B 303 0.14 -3.06 13.41
CA PRO B 303 0.82 -4.36 13.38
C PRO B 303 0.05 -5.43 12.58
N PRO B 304 0.77 -6.22 11.76
CA PRO B 304 0.10 -7.22 10.93
C PRO B 304 -0.84 -8.18 11.67
N THR B 305 -0.56 -8.46 12.94
CA THR B 305 -1.47 -9.31 13.76
C THR B 305 -2.39 -8.49 14.68
N MET B 306 -2.57 -7.20 14.41
CA MET B 306 -3.57 -6.42 15.13
C MET B 306 -4.95 -7.04 14.93
N PRO B 307 -5.71 -7.30 16.01
CA PRO B 307 -7.04 -7.90 15.90
C PRO B 307 -8.12 -6.88 15.53
N VAL B 308 -7.97 -6.30 14.35
CA VAL B 308 -8.82 -5.21 13.87
C VAL B 308 -10.24 -5.70 13.66
N ILE B 309 -10.39 -6.78 12.91
CA ILE B 309 -11.70 -7.33 12.63
C ILE B 309 -12.39 -7.76 13.92
N LYS B 310 -11.64 -8.43 14.78
CA LYS B 310 -12.18 -8.88 16.04
C LYS B 310 -12.69 -7.73 16.90
N LEU B 311 -11.94 -6.62 16.95
CA LEU B 311 -12.40 -5.45 17.70
C LEU B 311 -13.71 -4.91 17.12
N LEU B 312 -13.79 -4.81 15.79
CA LEU B 312 -15.00 -4.28 15.16
C LEU B 312 -16.20 -5.19 15.38
N GLU B 313 -15.99 -6.49 15.32
CA GLU B 313 -17.08 -7.46 15.50
C GLU B 313 -17.57 -7.48 16.93
N ALA B 314 -16.73 -7.05 17.87
CA ALA B 314 -17.14 -6.91 19.25
C ALA B 314 -17.84 -5.59 19.50
N GLY B 315 -18.01 -4.77 18.47
CA GLY B 315 -18.62 -3.47 18.64
C GLY B 315 -17.74 -2.40 19.28
N ILE B 316 -16.44 -2.58 19.24
CA ILE B 316 -15.50 -1.53 19.65
C ILE B 316 -15.36 -0.52 18.51
N ASN B 317 -15.30 0.74 18.89
CA ASN B 317 -15.19 1.81 17.95
C ASN B 317 -13.71 2.02 17.59
N LEU B 318 -13.37 1.68 16.35
CA LEU B 318 -12.00 1.72 15.87
C LEU B 318 -11.89 2.52 14.57
N GLY B 319 -11.28 3.71 14.67
CA GLY B 319 -10.99 4.56 13.53
C GLY B 319 -9.60 4.33 12.93
N CYS B 320 -9.29 5.06 11.86
CA CYS B 320 -8.05 4.83 11.10
C CYS B 320 -7.40 6.16 10.78
N ALA B 321 -6.10 6.14 10.47
CA ALA B 321 -5.35 7.40 10.35
C ALA B 321 -4.00 7.26 9.69
N SER B 322 -3.50 8.39 9.18
CA SER B 322 -2.18 8.51 8.55
C SER B 322 -1.03 8.41 9.55
N ASP B 323 -1.26 8.91 10.75
CA ASP B 323 -0.18 9.31 11.67
C ASP B 323 0.72 10.33 10.97
N ASN B 324 1.98 10.41 11.35
CA ASN B 324 2.93 11.36 10.78
C ASN B 324 3.07 11.23 9.28
N ILE B 325 3.37 12.36 8.63
CA ILE B 325 3.59 12.42 7.18
C ILE B 325 4.91 13.11 6.90
N ARG B 326 5.88 12.35 6.36
CA ARG B 326 7.15 12.87 5.83
C ARG B 326 7.93 13.69 6.85
N ASP B 327 8.23 13.05 7.98
CA ASP B 327 8.98 13.68 9.04
C ASP B 327 10.00 12.70 9.65
N PHE B 328 10.51 13.03 10.83
CA PHE B 328 11.52 12.23 11.51
C PHE B 328 10.93 11.06 12.31
N TRP B 329 9.61 10.87 12.24
CA TRP B 329 8.92 9.69 12.80
C TRP B 329 8.52 8.67 11.71
N VAL B 330 7.99 9.17 10.60
CA VAL B 330 7.52 8.37 9.49
C VAL B 330 7.94 9.08 8.21
N PRO B 331 8.72 8.41 7.36
CA PRO B 331 9.06 9.05 6.08
C PRO B 331 7.91 9.07 5.06
N PHE B 332 7.02 8.08 5.14
CA PHE B 332 5.91 7.94 4.22
C PHE B 332 4.82 9.01 4.39
N GLY B 333 3.91 9.05 3.44
CA GLY B 333 2.64 9.73 3.62
C GLY B 333 2.14 10.47 2.41
N ASN B 334 0.88 10.21 2.04
CA ASN B 334 0.20 10.96 1.00
C ASN B 334 -1.14 11.55 1.47
N GLY B 335 -1.45 11.41 2.75
CA GLY B 335 -2.72 11.92 3.30
C GLY B 335 -3.94 11.35 2.64
N ASP B 336 -3.83 10.13 2.11
CA ASP B 336 -4.86 9.50 1.30
C ASP B 336 -5.41 8.28 2.04
N MET B 337 -6.61 8.41 2.58
CA MET B 337 -7.22 7.34 3.37
C MET B 337 -7.57 6.12 2.53
N VAL B 338 -7.83 6.32 1.25
CA VAL B 338 -8.16 5.18 0.36
C VAL B 338 -6.90 4.34 0.10
N GLN B 339 -5.77 5.03 0.01
CA GLN B 339 -4.48 4.37 -0.05
C GLN B 339 -4.18 3.66 1.28
N GLY B 340 -4.51 4.32 2.39
CA GLY B 340 -4.37 3.71 3.72
C GLY B 340 -5.20 2.46 3.87
N ALA B 341 -6.40 2.46 3.31
CA ALA B 341 -7.23 1.28 3.33
C ALA B 341 -6.56 0.09 2.62
N LEU B 342 -5.97 0.34 1.45
CA LEU B 342 -5.22 -0.69 0.76
C LEU B 342 -4.08 -1.17 1.63
N ILE B 343 -3.32 -0.24 2.19
CA ILE B 343 -2.21 -0.62 3.04
C ILE B 343 -2.68 -1.53 4.19
N GLU B 344 -3.84 -1.23 4.79
CA GLU B 344 -4.37 -2.03 5.91
C GLU B 344 -4.75 -3.44 5.46
N THR B 345 -5.38 -3.57 4.28
CA THR B 345 -5.71 -4.90 3.75
C THR B 345 -4.47 -5.76 3.58
N GLN B 346 -3.34 -5.12 3.25
CA GLN B 346 -2.11 -5.82 2.99
C GLN B 346 -1.39 -6.15 4.32
N ARG B 347 -1.41 -5.22 5.26
CA ARG B 347 -0.82 -5.44 6.58
C ARG B 347 -1.56 -6.59 7.27
N LEU B 348 -2.88 -6.63 7.13
CA LEU B 348 -3.73 -7.56 7.88
C LEU B 348 -4.14 -8.80 7.07
N GLU B 349 -3.71 -8.86 5.82
CA GLU B 349 -4.01 -9.97 4.89
C GLU B 349 -5.50 -10.23 4.67
N LEU B 350 -6.21 -9.18 4.26
CA LEU B 350 -7.65 -9.27 4.04
C LEU B 350 -7.92 -9.28 2.56
N LYS B 351 -8.96 -10.00 2.15
CA LYS B 351 -9.35 -10.17 0.74
C LYS B 351 -10.87 -10.21 0.49
N THR B 352 -11.64 -10.75 1.45
CA THR B 352 -13.11 -10.84 1.28
C THR B 352 -13.75 -9.48 1.17
N ASN B 353 -14.88 -9.42 0.45
CA ASN B 353 -15.66 -8.19 0.30
C ASN B 353 -16.15 -7.65 1.64
N ARG B 354 -16.54 -8.55 2.51
CA ARG B 354 -16.90 -8.18 3.87
C ARG B 354 -15.77 -7.44 4.59
N ASP B 355 -14.55 -8.00 4.55
CA ASP B 355 -13.44 -7.41 5.30
C ASP B 355 -13.01 -6.07 4.73
N LEU B 356 -12.94 -5.97 3.40
CA LEU B 356 -12.65 -4.68 2.77
C LEU B 356 -13.72 -3.63 3.11
N GLY B 357 -14.96 -4.08 3.21
CA GLY B 357 -16.09 -3.24 3.68
C GLY B 357 -15.96 -2.76 5.12
N LEU B 358 -15.34 -3.56 5.99
CA LEU B 358 -15.09 -3.12 7.36
C LEU B 358 -13.98 -2.07 7.42
N ILE B 359 -12.93 -2.24 6.60
CA ILE B 359 -11.88 -1.23 6.48
C ILE B 359 -12.46 0.10 5.95
N TRP B 360 -13.40 0.02 5.01
CA TRP B 360 -14.01 1.23 4.49
C TRP B 360 -14.78 1.95 5.60
N LYS B 361 -15.47 1.19 6.44
CA LYS B 361 -16.14 1.76 7.63
C LYS B 361 -15.14 2.48 8.51
N MET B 362 -13.95 1.88 8.66
CA MET B 362 -12.90 2.50 9.50
C MET B 362 -12.45 3.88 9.01
N ILE B 363 -12.40 4.08 7.72
CA ILE B 363 -11.98 5.38 7.18
C ILE B 363 -13.14 6.37 7.02
N THR B 364 -14.35 5.91 7.31
CA THR B 364 -15.55 6.75 7.26
C THR B 364 -16.29 6.79 8.64
N SER B 365 -17.32 5.98 8.80
CA SER B 365 -18.25 6.13 9.93
C SER B 365 -17.60 5.85 11.30
N GLU B 366 -16.61 4.95 11.36
CA GLU B 366 -15.89 4.72 12.63
C GLU B 366 -15.10 5.95 13.03
N GLY B 367 -14.42 6.55 12.06
CA GLY B 367 -13.69 7.78 12.31
C GLY B 367 -14.58 8.90 12.79
N ALA B 368 -15.74 9.03 12.16
CA ALA B 368 -16.71 10.06 12.52
C ALA B 368 -17.08 9.90 14.00
N ARG B 369 -17.36 8.66 14.38
CA ARG B 369 -17.69 8.31 15.75
C ARG B 369 -16.58 8.62 16.73
N VAL B 370 -15.33 8.36 16.36
CA VAL B 370 -14.18 8.75 17.18
C VAL B 370 -14.16 10.25 17.39
N LEU B 371 -14.42 11.00 16.32
CA LEU B 371 -14.35 12.45 16.38
C LEU B 371 -15.59 13.07 17.05
N GLY B 372 -16.67 12.29 17.20
CA GLY B 372 -17.89 12.74 17.87
C GLY B 372 -18.89 13.47 16.97
N ILE B 373 -18.77 13.27 15.65
CA ILE B 373 -19.58 14.00 14.65
C ILE B 373 -20.60 13.10 13.96
N GLU B 374 -20.87 11.92 14.52
CA GLU B 374 -21.69 10.91 13.85
C GLU B 374 -23.14 11.33 13.54
N LYS B 375 -23.71 12.20 14.36
CA LYS B 375 -25.11 12.65 14.13
C LYS B 375 -25.21 13.45 12.84
N ASN B 376 -24.17 14.21 12.49
CA ASN B 376 -24.15 14.96 11.25
C ASN B 376 -23.43 14.30 10.06
N TYR B 377 -23.03 13.03 10.22
CA TYR B 377 -22.15 12.36 9.25
C TYR B 377 -22.90 11.30 8.48
N GLY B 378 -22.77 11.31 7.16
CA GLY B 378 -23.34 10.24 6.32
C GLY B 378 -24.10 10.81 5.14
N ILE B 379 -24.37 9.98 4.15
CA ILE B 379 -25.19 10.40 3.02
C ILE B 379 -26.63 10.02 3.32
N GLU B 380 -27.27 10.90 4.09
CA GLU B 380 -28.66 10.78 4.50
C GLU B 380 -29.27 12.18 4.50
N VAL B 381 -30.55 12.25 4.20
CA VAL B 381 -31.27 13.52 4.21
C VAL B 381 -31.10 14.15 5.59
N GLY B 382 -30.70 15.42 5.62
CA GLY B 382 -30.53 16.16 6.87
C GLY B 382 -29.08 16.31 7.29
N LYS B 383 -28.22 15.43 6.79
CA LYS B 383 -26.81 15.45 7.18
C LYS B 383 -25.98 16.43 6.35
N LYS B 384 -24.75 16.65 6.79
CA LYS B 384 -23.85 17.59 6.16
C LYS B 384 -23.43 17.16 4.75
N ALA B 385 -23.49 18.12 3.83
CA ALA B 385 -23.12 17.91 2.43
C ALA B 385 -21.58 18.04 2.27
N ASP B 386 -20.87 17.10 2.89
CA ASP B 386 -19.43 16.94 2.84
C ASP B 386 -19.24 15.59 2.18
N LEU B 387 -18.88 15.58 0.90
CA LEU B 387 -18.91 14.35 0.12
C LEU B 387 -17.73 14.22 -0.81
N VAL B 388 -17.48 12.97 -1.23
CA VAL B 388 -16.44 12.65 -2.18
C VAL B 388 -17.05 11.81 -3.28
N VAL B 389 -16.90 12.27 -4.52
CA VAL B 389 -17.28 11.49 -5.71
C VAL B 389 -16.03 10.76 -6.20
N LEU B 390 -16.09 9.43 -6.21
CA LEU B 390 -14.98 8.59 -6.61
C LEU B 390 -15.09 8.13 -8.06
N ASN B 391 -13.97 7.68 -8.62
CA ASN B 391 -13.90 7.11 -9.97
C ASN B 391 -13.93 5.57 -9.95
N SER B 392 -14.59 5.00 -8.93
CA SER B 392 -14.71 3.53 -8.80
C SER B 392 -16.15 3.17 -8.45
N LEU B 393 -16.52 1.90 -8.70
CA LEU B 393 -17.89 1.43 -8.55
C LEU B 393 -18.37 1.18 -7.13
N SER B 394 -17.46 0.90 -6.21
CA SER B 394 -17.83 0.48 -4.84
C SER B 394 -16.67 0.66 -3.90
N PRO B 395 -16.92 0.61 -2.58
CA PRO B 395 -15.85 0.68 -1.61
C PRO B 395 -14.72 -0.32 -1.91
N GLN B 396 -15.10 -1.55 -2.24
CA GLN B 396 -14.15 -2.60 -2.52
C GLN B 396 -13.30 -2.26 -3.75
N TRP B 397 -13.94 -1.87 -4.84
CA TRP B 397 -13.21 -1.48 -6.05
C TRP B 397 -12.38 -0.23 -5.89
N ALA B 398 -12.79 0.69 -5.03
CA ALA B 398 -12.00 1.89 -4.76
C ALA B 398 -10.67 1.55 -4.02
N ILE B 399 -10.78 0.67 -3.04
CA ILE B 399 -9.60 0.17 -2.34
C ILE B 399 -8.65 -0.55 -3.33
N ILE B 400 -9.22 -1.41 -4.17
CA ILE B 400 -8.43 -2.19 -5.12
C ILE B 400 -7.78 -1.32 -6.20
N ASP B 401 -8.55 -0.46 -6.86
CA ASP B 401 -8.04 0.22 -8.05
C ASP B 401 -7.40 1.57 -7.76
N GLN B 402 -7.59 2.12 -6.56
CA GLN B 402 -6.93 3.34 -6.13
C GLN B 402 -7.11 4.50 -7.12
N ALA B 403 -8.26 4.60 -7.77
CA ALA B 403 -8.44 5.67 -8.74
C ALA B 403 -8.52 7.00 -8.03
N LYS B 404 -8.08 8.04 -8.72
CA LYS B 404 -8.07 9.39 -8.13
C LYS B 404 -9.51 9.81 -7.85
N ARG B 405 -9.70 10.71 -6.89
CA ARG B 405 -11.01 11.30 -6.60
C ARG B 405 -11.47 12.17 -7.78
N LEU B 406 -12.72 12.03 -8.18
CA LEU B 406 -13.26 12.90 -9.23
C LEU B 406 -13.58 14.31 -8.70
N CYS B 407 -14.26 14.37 -7.55
CA CYS B 407 -14.76 15.61 -7.01
C CYS B 407 -14.84 15.57 -5.49
N VAL B 408 -14.51 16.68 -4.85
CA VAL B 408 -14.71 16.78 -3.41
C VAL B 408 -15.56 18.00 -3.06
N ILE B 409 -16.51 17.77 -2.16
CA ILE B 409 -17.50 18.77 -1.75
C ILE B 409 -17.50 18.94 -0.23
N LYS B 410 -17.38 20.18 0.22
CA LYS B 410 -17.35 20.55 1.62
C LYS B 410 -18.30 21.72 1.89
N ASN B 411 -19.16 21.56 2.90
CA ASN B 411 -20.22 22.53 3.21
C ASN B 411 -21.07 22.86 1.99
N GLY B 412 -21.37 21.83 1.20
CA GLY B 412 -22.18 21.94 0.01
C GLY B 412 -21.54 22.70 -1.15
N ARG B 413 -20.24 22.99 -1.07
CA ARG B 413 -19.51 23.72 -2.08
C ARG B 413 -18.39 22.85 -2.67
N ILE B 414 -18.21 22.91 -3.98
CA ILE B 414 -17.14 22.12 -4.62
C ILE B 414 -15.80 22.75 -4.32
N ILE B 415 -14.89 21.97 -3.74
CA ILE B 415 -13.56 22.46 -3.40
C ILE B 415 -12.41 21.78 -4.14
N VAL B 416 -12.69 20.60 -4.70
CA VAL B 416 -11.70 19.86 -5.48
C VAL B 416 -12.38 19.29 -6.70
N LYS B 417 -11.77 19.52 -7.85
CA LYS B 417 -12.21 18.94 -9.11
C LYS B 417 -10.98 18.46 -9.89
N ASP B 418 -10.99 17.19 -10.28
CA ASP B 418 -9.90 16.54 -11.01
C ASP B 418 -8.51 16.99 -10.52
N GLU B 419 -8.16 16.57 -9.30
CA GLU B 419 -6.83 16.78 -8.71
C GLU B 419 -6.43 18.24 -8.47
N VAL B 420 -7.37 19.17 -8.53
CA VAL B 420 -7.04 20.55 -8.32
C VAL B 420 -7.98 21.15 -7.27
N ILE B 421 -7.41 21.92 -6.35
CA ILE B 421 -8.19 22.63 -5.35
C ILE B 421 -8.75 23.87 -6.01
N VAL B 422 -10.08 23.91 -6.14
CA VAL B 422 -10.76 24.99 -6.84
C VAL B 422 -11.53 25.91 -5.89
N ALA B 423 -11.43 25.66 -4.58
CA ALA B 423 -12.04 26.54 -3.58
C ALA B 423 -11.49 27.97 -3.63
ZN ZN C . 1.69 -17.49 -8.69
O1 MES D . 18.63 -28.01 11.23
C2 MES D . 19.20 -29.32 11.15
C3 MES D . 19.20 -29.83 9.70
N4 MES D . 17.83 -29.85 9.15
C5 MES D . 17.21 -28.52 9.30
C6 MES D . 17.29 -28.00 10.73
C7 MES D . 17.95 -30.23 7.72
C8 MES D . 16.59 -30.28 7.03
S MES D . 16.68 -30.94 5.50
O1S MES D . 16.74 -32.42 5.52
O2S MES D . 17.87 -30.43 4.80
O3S MES D . 15.45 -30.52 4.81
CL CL E . 8.49 -37.94 -1.07
C1 MLI F . -1.74 -20.31 -8.29
C2 MLI F . -1.99 -18.84 -8.33
C3 MLI F . -1.15 -20.72 -6.97
O6 MLI F . -2.58 -18.43 -9.36
O7 MLI F . -1.58 -18.13 -7.36
O8 MLI F . -0.86 -21.94 -6.86
O9 MLI F . -0.98 -19.87 -6.06
ZN ZN G . 0.72 10.04 16.67
O1 MES H . -6.20 -12.26 33.11
C2 MES H . -6.07 -11.77 34.45
C3 MES H . -6.33 -10.26 34.49
N4 MES H . -5.37 -9.58 33.60
C5 MES H . -5.49 -10.14 32.24
C6 MES H . -5.26 -11.65 32.24
C7 MES H . -5.64 -8.14 33.54
C8 MES H . -5.08 -7.46 34.80
S MES H . -5.26 -5.81 34.74
O1S MES H . -6.67 -5.45 34.50
O2S MES H . -4.42 -5.24 33.66
O3S MES H . -4.85 -5.25 36.05
CL CL I . 2.27 3.58 38.46
C1 MLI J . 4.65 10.90 18.43
C2 MLI J . 4.73 9.51 18.99
C3 MLI J . 4.56 10.94 16.92
O6 MLI J . 4.96 9.44 20.23
O7 MLI J . 4.60 8.51 18.21
O8 MLI J . 4.71 12.07 16.41
O9 MLI J . 4.33 9.87 16.28
#